data_4YOY
#
_entry.id   4YOY
#
_cell.length_a   94.878
_cell.length_b   94.891
_cell.length_c   106.457
_cell.angle_alpha   90.000
_cell.angle_beta   90.000
_cell.angle_gamma   90.000
#
_symmetry.space_group_name_H-M   'P 21 21 21'
#
loop_
_entity.id
_entity.type
_entity.pdbx_description
1 polymer '3-5 exonuclease PhoExo I'
2 polymer "5'-D(*TP*TP*TP*TP*TP*TP*T)-3'"
3 non-polymer 'MAGNESIUM ION'
4 water water
#
loop_
_entity_poly.entity_id
_entity_poly.type
_entity_poly.pdbx_seq_one_letter_code
_entity_poly.pdbx_strand_id
1 'polypeptide(L)'
;MRIVAADTGGAVLDESFQPVGLIATVAVLVEKPYKTSKRFLVKYADPYNYDLSGRQAIRDEIELAIELAREVSPDVIHLN
STLGGIEVRKLDESTIDALQISDRGKEIWKELSKDLQPLAKKFWEETGIEIIAIGKSSVPVRIAEIYAGIFSVKWALDNV
KEKGGLLVGLPRYMEVEIKKDKIIGKSLDPREGGLYGEVKTEVPQGIKWELYPNPLVRRFMVFEITSKSHHHH
;
A,C,E
2 'polydeoxyribonucleotide' (DT)(DT)(DT)(DT)(DT)(DT)(DT) B,D,F
#
loop_
_chem_comp.id
_chem_comp.type
_chem_comp.name
_chem_comp.formula
DT DNA linking THYMIDINE-5'-MONOPHOSPHATE 'C10 H15 N2 O8 P'
MG non-polymer 'MAGNESIUM ION' 'Mg 2'
#
# COMPACT_ATOMS: atom_id res chain seq x y z
N MET A 1 7.34 -19.14 17.82
CA MET A 1 8.41 -19.75 17.05
C MET A 1 9.60 -18.82 16.94
N ARG A 2 10.79 -19.39 16.79
CA ARG A 2 12.01 -18.59 16.68
C ARG A 2 12.53 -18.73 15.25
N ILE A 3 12.75 -17.60 14.61
CA ILE A 3 13.02 -17.57 13.18
C ILE A 3 14.31 -16.87 12.83
N VAL A 4 15.13 -17.48 11.99
CA VAL A 4 16.24 -16.75 11.40
C VAL A 4 15.87 -16.31 9.98
N ALA A 5 16.13 -15.04 9.67
CA ALA A 5 15.89 -14.54 8.32
C ALA A 5 17.08 -13.74 7.84
N ALA A 6 17.18 -13.55 6.53
CA ALA A 6 18.26 -12.72 5.98
C ALA A 6 17.75 -11.85 4.84
N ASP A 7 18.46 -10.76 4.61
CA ASP A 7 18.20 -9.91 3.44
C ASP A 7 19.42 -9.06 3.12
N THR A 8 19.49 -8.67 1.85
CA THR A 8 20.49 -7.69 1.40
C THR A 8 19.77 -6.39 1.01
N GLY A 9 20.29 -5.26 1.45
CA GLY A 9 19.66 -4.01 1.10
C GLY A 9 20.57 -2.83 1.30
N GLY A 10 20.11 -1.66 0.86
CA GLY A 10 20.94 -0.47 0.94
C GLY A 10 21.81 -0.42 -0.31
N ALA A 11 21.84 0.73 -0.96
CA ALA A 11 22.64 0.91 -2.17
C ALA A 11 23.34 2.24 -2.14
N VAL A 12 24.59 2.26 -2.62
CA VAL A 12 25.22 3.52 -2.95
C VAL A 12 24.51 4.05 -4.17
N LEU A 13 24.12 5.32 -4.14
CA LEU A 13 23.52 5.97 -5.31
C LEU A 13 24.50 6.99 -5.86
N ASP A 14 24.44 7.25 -7.16
CA ASP A 14 25.19 8.39 -7.70
C ASP A 14 24.33 9.64 -7.55
N GLU A 15 24.84 10.79 -8.01
CA GLU A 15 24.15 12.06 -7.80
C GLU A 15 22.81 12.16 -8.53
N SER A 16 22.58 11.28 -9.50
CA SER A 16 21.29 11.25 -10.19
C SER A 16 20.42 10.11 -9.67
N PHE A 17 20.76 9.63 -8.48
CA PHE A 17 19.98 8.64 -7.74
C PHE A 17 19.95 7.26 -8.44
N GLN A 18 20.94 6.99 -9.29
CA GLN A 18 21.05 5.66 -9.89
C GLN A 18 21.89 4.76 -8.99
N PRO A 19 21.39 3.57 -8.66
CA PRO A 19 22.16 2.68 -7.79
C PRO A 19 23.46 2.19 -8.44
N VAL A 20 24.51 2.13 -7.64
CA VAL A 20 25.84 1.71 -8.08
C VAL A 20 26.07 0.26 -7.65
N GLY A 21 25.66 -0.08 -6.43
CA GLY A 21 25.86 -1.42 -5.90
C GLY A 21 25.26 -1.53 -4.51
N LEU A 22 25.05 -2.77 -4.03
CA LEU A 22 24.42 -2.97 -2.73
C LEU A 22 25.45 -2.98 -1.62
N ILE A 23 25.02 -2.81 -0.39
CA ILE A 23 25.95 -2.60 0.72
C ILE A 23 25.93 -3.72 1.78
N ALA A 24 24.78 -3.97 2.41
CA ALA A 24 24.77 -4.82 3.59
C ALA A 24 23.89 -6.05 3.42
N THR A 25 24.45 -7.21 3.80
CA THR A 25 23.67 -8.43 4.00
C THR A 25 23.62 -8.71 5.50
N VAL A 26 22.41 -8.91 6.00
CA VAL A 26 22.19 -9.09 7.42
C VAL A 26 21.37 -10.36 7.67
N ALA A 27 21.76 -11.12 8.69
CA ALA A 27 20.93 -12.23 9.16
C ALA A 27 20.44 -11.90 10.56
N VAL A 28 19.15 -12.12 10.80
CA VAL A 28 18.58 -11.83 12.12
C VAL A 28 17.89 -13.04 12.77
N LEU A 29 17.95 -13.09 14.10
CA LEU A 29 17.08 -13.96 14.87
C LEU A 29 15.89 -13.16 15.37
N VAL A 30 14.69 -13.65 15.08
CA VAL A 30 13.48 -12.94 15.48
C VAL A 30 12.61 -13.88 16.34
N GLU A 31 12.20 -13.38 17.51
CA GLU A 31 11.38 -14.13 18.45
C GLU A 31 10.16 -13.27 18.79
N LYS A 32 9.18 -13.84 19.47
CA LYS A 32 8.01 -13.08 19.92
C LYS A 32 8.49 -11.84 20.69
N PRO A 33 7.86 -10.66 20.48
CA PRO A 33 6.68 -10.34 19.66
C PRO A 33 6.94 -9.98 18.19
N TYR A 34 8.09 -10.37 17.63
CA TYR A 34 8.32 -10.27 16.18
C TYR A 34 8.33 -8.84 15.67
N LYS A 35 8.91 -7.93 16.44
CA LYS A 35 9.00 -6.52 16.02
C LYS A 35 10.44 -6.09 15.78
N THR A 36 11.41 -6.76 16.38
CA THR A 36 12.82 -6.38 16.20
C THR A 36 13.72 -7.60 16.30
N SER A 37 15.03 -7.38 16.36
CA SER A 37 15.97 -8.50 16.54
C SER A 37 17.05 -8.02 17.49
N LYS A 38 17.46 -8.87 18.40
CA LYS A 38 18.52 -8.55 19.35
C LYS A 38 19.80 -9.34 19.03
N ARG A 39 19.73 -10.23 18.06
CA ARG A 39 20.88 -11.06 17.72
C ARG A 39 21.01 -11.15 16.21
N PHE A 40 22.10 -10.65 15.68
CA PHE A 40 22.19 -10.53 14.23
C PHE A 40 23.64 -10.50 13.75
N LEU A 41 23.81 -10.77 12.46
CA LEU A 41 25.12 -10.76 11.82
C LEU A 41 25.07 -9.87 10.58
N VAL A 42 26.19 -9.28 10.21
CA VAL A 42 26.22 -8.47 9.00
C VAL A 42 27.43 -8.84 8.16
N LYS A 43 27.23 -8.85 6.84
CA LYS A 43 28.35 -8.91 5.91
C LYS A 43 28.23 -7.73 4.93
N TYR A 44 29.31 -6.97 4.79
CA TYR A 44 29.30 -5.83 3.87
C TYR A 44 29.80 -6.22 2.50
N ALA A 45 29.10 -5.80 1.46
CA ALA A 45 29.63 -6.00 0.11
C ALA A 45 30.54 -4.83 -0.22
N ASP A 46 31.16 -4.87 -1.39
CA ASP A 46 31.83 -3.70 -1.95
C ASP A 46 30.92 -3.11 -3.02
N PRO A 47 30.24 -2.00 -2.68
CA PRO A 47 29.24 -1.49 -3.63
C PRO A 47 29.84 -0.95 -4.93
N TYR A 48 31.13 -0.63 -4.95
CA TYR A 48 31.77 -0.09 -6.14
C TYR A 48 32.33 -1.19 -7.03
N ASN A 49 32.15 -2.42 -6.61
CA ASN A 49 32.53 -3.58 -7.41
C ASN A 49 31.45 -4.64 -7.20
N TYR A 50 30.24 -4.24 -7.55
CA TYR A 50 29.05 -5.05 -7.30
C TYR A 50 28.38 -5.32 -8.64
N ASP A 51 27.89 -6.54 -8.83
CA ASP A 51 27.14 -6.83 -10.04
C ASP A 51 25.67 -6.87 -9.65
N LEU A 52 24.96 -5.80 -9.99
CA LEU A 52 23.56 -5.63 -9.59
C LEU A 52 22.68 -6.67 -10.28
N SER A 53 23.19 -7.22 -11.39
CA SER A 53 22.53 -8.30 -12.09
C SER A 53 23.06 -9.66 -11.65
N GLY A 54 24.11 -9.66 -10.85
CA GLY A 54 24.81 -10.87 -10.45
C GLY A 54 24.07 -11.84 -9.54
N ARG A 55 23.35 -11.30 -8.56
CA ARG A 55 22.51 -12.10 -7.65
C ARG A 55 23.39 -12.97 -6.75
N GLN A 56 24.52 -12.37 -6.38
CA GLN A 56 25.35 -12.81 -5.27
C GLN A 56 24.63 -12.55 -3.94
N ALA A 57 23.67 -11.61 -3.96
CA ALA A 57 22.94 -11.26 -2.75
C ALA A 57 22.31 -12.49 -2.08
N ILE A 58 21.52 -13.26 -2.82
CA ILE A 58 20.79 -14.37 -2.21
C ILE A 58 21.73 -15.51 -1.76
N ARG A 59 22.85 -15.69 -2.46
CA ARG A 59 23.86 -16.66 -2.04
C ARG A 59 24.47 -16.21 -0.70
N ASP A 60 24.76 -14.91 -0.60
CA ASP A 60 25.23 -14.31 0.66
C ASP A 60 24.21 -14.44 1.80
N GLU A 61 22.95 -14.20 1.47
CA GLU A 61 21.86 -14.29 2.44
C GLU A 61 21.73 -15.71 3.03
N ILE A 62 21.69 -16.74 2.17
CA ILE A 62 21.44 -18.09 2.68
C ILE A 62 22.63 -18.54 3.51
N GLU A 63 23.82 -18.14 3.08
CA GLU A 63 25.04 -18.50 3.79
C GLU A 63 25.11 -17.84 5.18
N LEU A 64 24.79 -16.56 5.26
CA LEU A 64 24.80 -15.85 6.54
C LEU A 64 23.66 -16.36 7.45
N ALA A 65 22.50 -16.64 6.86
CA ALA A 65 21.38 -17.19 7.61
C ALA A 65 21.76 -18.56 8.23
N ILE A 66 22.40 -19.41 7.45
CA ILE A 66 22.84 -20.70 7.96
C ILE A 66 23.88 -20.51 9.06
N GLU A 67 24.79 -19.56 8.87
CA GLU A 67 25.80 -19.29 9.89
C GLU A 67 25.16 -18.88 11.23
N LEU A 68 24.18 -17.98 11.17
CA LEU A 68 23.49 -17.57 12.41
C LEU A 68 22.66 -18.73 12.97
N ALA A 69 21.97 -19.46 12.09
CA ALA A 69 21.12 -20.59 12.53
C ALA A 69 21.90 -21.65 13.29
N ARG A 70 23.16 -21.88 12.92
CA ARG A 70 23.97 -22.88 13.61
C ARG A 70 24.22 -22.47 15.06
N GLU A 71 24.26 -21.16 15.30
CA GLU A 71 24.45 -20.63 16.65
C GLU A 71 23.17 -20.64 17.49
N VAL A 72 22.05 -20.21 16.91
CA VAL A 72 20.84 -19.97 17.70
C VAL A 72 19.75 -21.05 17.58
N SER A 73 19.95 -22.00 16.67
CA SER A 73 19.03 -23.14 16.46
C SER A 73 17.55 -22.75 16.36
N PRO A 74 17.19 -22.03 15.29
CA PRO A 74 15.81 -21.59 15.13
C PRO A 74 14.88 -22.73 14.70
N ASP A 75 13.59 -22.45 14.64
CA ASP A 75 12.61 -23.39 14.14
C ASP A 75 12.63 -23.49 12.62
N VAL A 76 12.96 -22.38 11.97
CA VAL A 76 12.91 -22.25 10.52
C VAL A 76 13.79 -21.08 10.06
N ILE A 77 14.25 -21.14 8.82
CA ILE A 77 14.95 -20.04 8.19
C ILE A 77 14.06 -19.45 7.11
N HIS A 78 13.87 -18.12 7.14
CA HIS A 78 13.14 -17.42 6.09
C HIS A 78 14.13 -16.79 5.13
N LEU A 79 13.99 -17.15 3.86
CA LEU A 79 14.80 -16.58 2.77
C LEU A 79 13.97 -15.54 2.03
N ASN A 80 14.61 -14.46 1.58
CA ASN A 80 13.87 -13.40 0.92
C ASN A 80 13.66 -13.64 -0.56
N SER A 81 12.77 -14.56 -0.88
CA SER A 81 12.34 -14.77 -2.25
C SER A 81 10.90 -15.23 -2.22
N THR A 82 10.01 -14.50 -2.88
CA THR A 82 8.59 -14.78 -2.71
C THR A 82 8.17 -15.92 -3.62
N LEU A 83 8.35 -17.15 -3.14
CA LEU A 83 8.03 -18.32 -3.93
C LEU A 83 6.89 -19.14 -3.34
N GLY A 84 6.16 -18.57 -2.39
CA GLY A 84 5.02 -19.26 -1.81
C GLY A 84 5.36 -20.13 -0.60
N GLY A 85 6.60 -20.01 -0.10
CA GLY A 85 7.01 -20.70 1.11
C GLY A 85 7.56 -22.11 0.87
N ILE A 86 7.93 -22.41 -0.36
CA ILE A 86 8.49 -23.71 -0.68
C ILE A 86 9.85 -23.89 0.01
N GLU A 87 10.14 -25.11 0.46
CA GLU A 87 11.44 -25.45 1.02
C GLU A 87 12.52 -25.46 -0.07
N VAL A 88 13.64 -24.82 0.21
CA VAL A 88 14.72 -24.69 -0.76
C VAL A 88 15.35 -26.05 -1.09
N ARG A 89 15.33 -26.99 -0.14
CA ARG A 89 15.88 -28.32 -0.40
C ARG A 89 15.03 -29.07 -1.43
N LYS A 90 13.83 -28.59 -1.68
CA LYS A 90 12.93 -29.25 -2.61
C LYS A 90 12.88 -28.56 -3.98
N LEU A 91 13.73 -27.55 -4.17
CA LEU A 91 13.77 -26.80 -5.43
C LEU A 91 14.56 -27.52 -6.52
N ASP A 92 13.85 -28.15 -7.45
CA ASP A 92 14.43 -28.70 -8.66
C ASP A 92 13.67 -28.13 -9.86
N GLU A 93 14.06 -28.50 -11.07
CA GLU A 93 13.42 -27.95 -12.26
C GLU A 93 11.93 -28.25 -12.27
N SER A 94 11.56 -29.43 -11.77
CA SER A 94 10.17 -29.83 -11.73
C SER A 94 9.31 -28.92 -10.83
N THR A 95 9.77 -28.68 -9.61
CA THR A 95 9.00 -27.87 -8.67
C THR A 95 9.00 -26.38 -9.03
N ILE A 96 10.07 -25.92 -9.68
CA ILE A 96 10.16 -24.51 -10.07
C ILE A 96 9.14 -24.12 -11.16
N ASP A 97 8.94 -25.00 -12.15
CA ASP A 97 7.94 -24.72 -13.19
C ASP A 97 6.51 -24.71 -12.63
N ALA A 98 6.27 -25.48 -11.58
CA ALA A 98 4.93 -25.53 -10.97
C ALA A 98 4.62 -24.26 -10.17
N LEU A 99 5.65 -23.50 -9.81
CA LEU A 99 5.49 -22.26 -9.04
C LEU A 99 4.75 -21.17 -9.81
N GLN A 100 3.90 -20.42 -9.11
CA GLN A 100 3.17 -19.30 -9.71
C GLN A 100 4.01 -18.04 -9.73
N ILE A 101 5.12 -18.08 -10.47
CA ILE A 101 6.00 -16.93 -10.59
C ILE A 101 6.28 -16.64 -12.07
N SER A 102 6.94 -15.52 -12.34
CA SER A 102 7.26 -15.14 -13.71
C SER A 102 8.24 -16.12 -14.34
N ASP A 103 8.28 -16.13 -15.66
CA ASP A 103 9.17 -17.05 -16.38
C ASP A 103 10.63 -16.61 -16.21
N ARG A 104 10.83 -15.31 -16.00
CA ARG A 104 12.14 -14.81 -15.67
C ARG A 104 12.55 -15.37 -14.29
N GLY A 105 11.61 -15.31 -13.35
CA GLY A 105 11.80 -15.86 -12.01
C GLY A 105 12.09 -17.35 -12.01
N LYS A 106 11.43 -18.08 -12.90
CA LYS A 106 11.65 -19.52 -13.02
C LYS A 106 13.05 -19.79 -13.55
N GLU A 107 13.49 -19.03 -14.55
CA GLU A 107 14.82 -19.24 -15.12
C GLU A 107 15.91 -18.82 -14.14
N ILE A 108 15.68 -17.76 -13.37
CA ILE A 108 16.63 -17.38 -12.31
C ILE A 108 16.81 -18.48 -11.28
N TRP A 109 15.72 -19.10 -10.86
CA TRP A 109 15.77 -20.05 -9.77
C TRP A 109 16.23 -21.43 -10.22
N LYS A 110 16.06 -21.76 -11.49
CA LYS A 110 16.63 -23.01 -11.99
C LYS A 110 18.16 -22.96 -11.92
N GLU A 111 18.74 -21.80 -12.18
CA GLU A 111 20.19 -21.63 -12.07
C GLU A 111 20.63 -21.54 -10.60
N LEU A 112 19.88 -20.80 -9.79
CA LEU A 112 20.18 -20.69 -8.37
C LEU A 112 20.11 -22.02 -7.64
N SER A 113 19.17 -22.87 -8.06
CA SER A 113 18.95 -24.20 -7.46
C SER A 113 20.22 -25.03 -7.39
N LYS A 114 21.04 -24.93 -8.42
CA LYS A 114 22.24 -25.76 -8.56
C LYS A 114 23.19 -25.64 -7.37
N ASP A 115 23.20 -24.48 -6.72
CA ASP A 115 24.04 -24.31 -5.56
C ASP A 115 23.21 -24.32 -4.27
N LEU A 116 22.06 -23.66 -4.31
CA LEU A 116 21.28 -23.45 -3.09
C LEU A 116 20.55 -24.69 -2.63
N GLN A 117 20.03 -25.50 -3.56
CA GLN A 117 19.31 -26.71 -3.18
C GLN A 117 20.21 -27.69 -2.41
N PRO A 118 21.44 -27.97 -2.91
CA PRO A 118 22.29 -28.88 -2.13
C PRO A 118 22.65 -28.31 -0.76
N LEU A 119 22.81 -27.00 -0.69
CA LEU A 119 23.14 -26.31 0.55
C LEU A 119 22.03 -26.46 1.58
N ALA A 120 20.79 -26.20 1.16
CA ALA A 120 19.64 -26.36 2.03
C ALA A 120 19.44 -27.83 2.42
N LYS A 121 19.66 -28.73 1.47
CA LYS A 121 19.49 -30.16 1.73
C LYS A 121 20.43 -30.65 2.83
N LYS A 122 21.70 -30.29 2.71
CA LYS A 122 22.69 -30.66 3.71
C LYS A 122 22.39 -30.04 5.07
N PHE A 123 21.91 -28.80 5.11
CA PHE A 123 21.59 -28.18 6.38
C PHE A 123 20.38 -28.87 7.02
N TRP A 124 19.38 -29.21 6.22
CA TRP A 124 18.24 -29.94 6.74
C TRP A 124 18.65 -31.33 7.24
N GLU A 125 19.55 -31.99 6.53
CA GLU A 125 20.01 -33.31 6.97
C GLU A 125 20.64 -33.20 8.35
N GLU A 126 21.39 -32.13 8.57
CA GLU A 126 22.13 -31.96 9.82
C GLU A 126 21.26 -31.61 11.00
N THR A 127 20.17 -30.88 10.75
CA THR A 127 19.42 -30.22 11.81
C THR A 127 17.91 -30.43 11.79
N GLY A 128 17.37 -30.77 10.62
CA GLY A 128 15.92 -30.82 10.43
C GLY A 128 15.28 -29.46 10.15
N ILE A 129 16.08 -28.40 10.10
CA ILE A 129 15.55 -27.05 9.86
C ILE A 129 15.37 -26.75 8.37
N GLU A 130 14.17 -26.33 7.99
CA GLU A 130 13.91 -25.97 6.60
C GLU A 130 14.36 -24.52 6.32
N ILE A 131 14.77 -24.26 5.09
CA ILE A 131 15.00 -22.90 4.59
C ILE A 131 13.89 -22.64 3.59
N ILE A 132 12.99 -21.71 3.92
CA ILE A 132 11.82 -21.54 3.05
C ILE A 132 11.87 -20.20 2.32
N ALA A 133 11.48 -20.26 1.04
CA ALA A 133 11.43 -19.07 0.20
C ALA A 133 10.09 -18.37 0.38
N ILE A 134 9.99 -17.55 1.43
CA ILE A 134 8.73 -16.93 1.79
C ILE A 134 8.70 -15.45 1.33
N GLY A 135 9.85 -14.78 1.39
CA GLY A 135 9.97 -13.43 0.87
C GLY A 135 9.04 -12.41 1.52
N LYS A 136 8.24 -11.74 0.69
CA LYS A 136 7.44 -10.57 1.09
C LYS A 136 6.44 -10.82 2.21
N SER A 137 6.08 -12.08 2.40
CA SER A 137 5.08 -12.44 3.39
C SER A 137 5.66 -12.43 4.79
N SER A 138 6.99 -12.49 4.89
CA SER A 138 7.67 -12.71 6.16
C SER A 138 7.98 -11.44 6.94
N VAL A 139 7.59 -11.38 8.22
CA VAL A 139 8.02 -10.26 9.05
C VAL A 139 9.51 -10.37 9.42
N PRO A 140 10.01 -11.58 9.80
CA PRO A 140 11.47 -11.63 10.00
C PRO A 140 12.32 -11.13 8.79
N VAL A 141 11.86 -11.39 7.57
CA VAL A 141 12.58 -10.89 6.40
C VAL A 141 12.57 -9.35 6.36
N ARG A 142 11.42 -8.76 6.67
CA ARG A 142 11.30 -7.29 6.71
C ARG A 142 12.19 -6.69 7.81
N ILE A 143 12.30 -7.39 8.95
CA ILE A 143 13.21 -6.96 10.02
C ILE A 143 14.68 -7.06 9.60
N ALA A 144 15.07 -8.12 8.90
CA ALA A 144 16.39 -8.19 8.31
C ALA A 144 16.65 -7.02 7.33
N GLU A 145 15.63 -6.69 6.55
CA GLU A 145 15.71 -5.63 5.55
C GLU A 145 15.94 -4.26 6.23
N ILE A 146 15.22 -4.03 7.34
CA ILE A 146 15.39 -2.80 8.12
C ILE A 146 16.81 -2.74 8.68
N TYR A 147 17.32 -3.86 9.18
CA TYR A 147 18.70 -3.90 9.69
C TYR A 147 19.73 -3.69 8.57
N ALA A 148 19.41 -4.13 7.36
CA ALA A 148 20.29 -3.89 6.22
C ALA A 148 20.36 -2.37 5.94
N GLY A 149 19.23 -1.69 6.12
CA GLY A 149 19.20 -0.23 6.00
C GLY A 149 20.08 0.41 7.05
N ILE A 150 19.90 0.00 8.29
CA ILE A 150 20.69 0.56 9.38
C ILE A 150 22.19 0.32 9.16
N PHE A 151 22.55 -0.90 8.79
CA PHE A 151 23.95 -1.24 8.59
C PHE A 151 24.54 -0.54 7.37
N SER A 152 23.72 -0.23 6.39
CA SER A 152 24.17 0.52 5.22
C SER A 152 24.54 1.93 5.64
N VAL A 153 23.75 2.49 6.55
CA VAL A 153 24.04 3.82 7.07
C VAL A 153 25.29 3.78 7.93
N LYS A 154 25.45 2.72 8.72
CA LYS A 154 26.68 2.57 9.51
C LYS A 154 27.90 2.51 8.59
N TRP A 155 27.75 1.75 7.51
CA TRP A 155 28.83 1.60 6.54
C TRP A 155 29.19 2.95 5.92
N ALA A 156 28.17 3.72 5.57
CA ALA A 156 28.38 5.02 4.94
C ALA A 156 29.07 6.00 5.88
N LEU A 157 28.62 6.03 7.13
CA LEU A 157 29.24 6.88 8.14
C LEU A 157 30.71 6.51 8.30
N ASP A 158 30.99 5.21 8.28
CA ASP A 158 32.34 4.70 8.46
C ASP A 158 33.26 4.85 7.25
N ASN A 159 32.68 5.00 6.06
CA ASN A 159 33.47 4.98 4.82
C ASN A 159 33.49 6.26 4.03
N VAL A 160 32.80 7.28 4.52
CA VAL A 160 32.79 8.55 3.82
C VAL A 160 34.11 9.28 4.04
N GLY A 164 34.10 12.73 0.44
CA GLY A 164 33.53 14.03 0.78
C GLY A 164 32.01 14.06 0.79
N GLY A 165 31.38 12.91 0.51
CA GLY A 165 29.92 12.83 0.45
C GLY A 165 29.44 11.50 -0.11
N LEU A 166 28.34 10.98 0.44
CA LEU A 166 27.78 9.69 0.05
C LEU A 166 26.25 9.74 0.04
N LEU A 167 25.65 9.09 -0.96
CA LEU A 167 24.19 8.90 -1.02
C LEU A 167 23.87 7.43 -0.81
N VAL A 168 23.11 7.14 0.24
CA VAL A 168 22.67 5.77 0.51
C VAL A 168 21.18 5.66 0.19
N GLY A 169 20.84 4.83 -0.78
CA GLY A 169 19.44 4.52 -1.03
C GLY A 169 18.99 3.43 -0.06
N LEU A 170 18.01 3.72 0.80
CA LEU A 170 17.56 2.75 1.78
C LEU A 170 16.57 1.74 1.20
N PRO A 171 16.39 0.59 1.88
CA PRO A 171 15.27 -0.29 1.53
C PRO A 171 13.93 0.44 1.64
N ARG A 172 12.85 -0.17 1.14
CA ARG A 172 11.58 0.54 0.98
C ARG A 172 11.00 1.04 2.32
N TYR A 173 10.48 2.27 2.26
CA TYR A 173 9.76 2.97 3.33
C TYR A 173 10.26 2.67 4.74
N MET A 174 11.51 3.05 4.96
CA MET A 174 12.07 3.02 6.29
C MET A 174 12.87 4.31 6.50
N GLU A 175 13.01 4.69 7.75
CA GLU A 175 13.77 5.86 8.16
C GLU A 175 14.88 5.40 9.09
N VAL A 176 15.90 6.23 9.22
CA VAL A 176 16.91 6.01 10.24
C VAL A 176 17.02 7.24 11.12
N GLU A 177 17.41 7.02 12.37
CA GLU A 177 17.65 8.12 13.30
C GLU A 177 19.04 7.94 13.84
N ILE A 178 19.78 9.04 13.87
CA ILE A 178 21.17 9.02 14.33
C ILE A 178 21.20 9.49 15.76
N LYS A 179 21.83 8.70 16.63
CA LYS A 179 22.02 9.11 18.00
C LYS A 179 23.53 9.11 18.20
N LYS A 180 24.00 9.62 19.33
CA LYS A 180 25.43 9.73 19.59
C LYS A 180 26.15 8.37 19.46
N ASP A 181 25.47 7.31 19.87
CA ASP A 181 26.14 6.02 19.99
C ASP A 181 25.40 4.90 19.29
N LYS A 182 24.41 5.25 18.50
CA LYS A 182 23.66 4.21 17.81
C LYS A 182 22.84 4.77 16.67
N ILE A 183 22.44 3.86 15.79
CA ILE A 183 21.52 4.17 14.71
C ILE A 183 20.24 3.38 14.94
N ILE A 184 19.10 4.06 14.84
CA ILE A 184 17.81 3.41 14.96
C ILE A 184 17.13 3.38 13.61
N GLY A 185 16.63 2.22 13.21
CA GLY A 185 15.86 2.11 11.98
C GLY A 185 14.42 1.71 12.29
N LYS A 186 13.48 2.29 11.56
CA LYS A 186 12.06 2.00 11.74
C LYS A 186 11.37 1.92 10.39
N SER A 187 10.43 0.99 10.27
CA SER A 187 9.52 1.00 9.13
C SER A 187 8.67 2.26 9.15
N LEU A 188 8.41 2.83 7.99
CA LEU A 188 7.48 3.95 7.88
C LEU A 188 6.05 3.49 7.66
N ASP A 189 5.84 2.18 7.52
CA ASP A 189 4.50 1.67 7.31
C ASP A 189 3.88 1.20 8.64
N PRO A 190 2.92 1.97 9.18
CA PRO A 190 2.29 1.56 10.45
C PRO A 190 1.48 0.25 10.32
N ARG A 191 1.15 -0.12 9.09
CA ARG A 191 0.45 -1.38 8.86
C ARG A 191 1.29 -2.58 9.28
N GLU A 192 2.60 -2.41 9.34
CA GLU A 192 3.47 -3.54 9.68
C GLU A 192 3.56 -3.77 11.20
N GLY A 193 2.97 -2.87 11.98
CA GLY A 193 2.78 -3.12 13.41
C GLY A 193 3.93 -2.66 14.28
N GLY A 194 4.82 -1.84 13.73
CA GLY A 194 5.90 -1.22 14.49
C GLY A 194 7.22 -1.95 14.46
N LEU A 195 7.70 -2.26 13.26
CA LEU A 195 8.95 -2.96 13.10
C LEU A 195 10.13 -2.00 13.19
N TYR A 196 11.18 -2.42 13.91
CA TYR A 196 12.33 -1.53 14.11
C TYR A 196 13.61 -2.30 14.40
N GLY A 197 14.73 -1.61 14.31
CA GLY A 197 16.01 -2.16 14.66
C GLY A 197 16.93 -1.12 15.28
N GLU A 198 18.00 -1.59 15.90
CA GLU A 198 18.94 -0.69 16.54
C GLU A 198 20.34 -1.27 16.50
N VAL A 199 21.32 -0.47 16.10
CA VAL A 199 22.71 -0.93 16.02
C VAL A 199 23.64 0.07 16.71
N LYS A 200 24.51 -0.40 17.59
CA LYS A 200 25.51 0.45 18.23
C LYS A 200 26.57 0.89 17.23
N THR A 201 27.01 2.14 17.31
CA THR A 201 28.11 2.60 16.48
C THR A 201 28.64 3.96 16.97
N GLU A 202 29.87 4.29 16.59
CA GLU A 202 30.42 5.64 16.84
C GLU A 202 30.09 6.52 15.65
N VAL A 203 29.55 7.70 15.90
CA VAL A 203 29.21 8.62 14.81
C VAL A 203 30.35 9.60 14.59
N PRO A 204 30.89 9.62 13.38
CA PRO A 204 32.05 10.46 13.07
C PRO A 204 31.76 11.95 13.12
N GLN A 205 32.79 12.74 13.36
CA GLN A 205 32.69 14.19 13.31
C GLN A 205 32.99 14.70 11.90
N GLY A 206 32.65 15.96 11.68
CA GLY A 206 32.98 16.68 10.46
C GLY A 206 32.06 16.40 9.28
N ILE A 207 30.94 15.75 9.57
CA ILE A 207 29.95 15.43 8.54
C ILE A 207 28.52 15.83 8.94
N LYS A 208 27.69 16.07 7.93
CA LYS A 208 26.27 16.36 8.13
C LYS A 208 25.46 15.32 7.40
N TRP A 209 24.22 15.15 7.80
CA TRP A 209 23.38 14.18 7.14
C TRP A 209 21.97 14.72 6.95
N GLU A 210 21.27 14.10 6.01
CA GLU A 210 19.88 14.44 5.75
C GLU A 210 19.18 13.18 5.28
N LEU A 211 17.90 13.05 5.58
CA LEU A 211 17.10 11.92 5.11
C LEU A 211 15.95 12.50 4.33
N TYR A 212 15.74 12.07 3.09
CA TYR A 212 14.67 12.64 2.29
C TYR A 212 14.20 11.65 1.22
N PRO A 213 13.02 11.91 0.61
CA PRO A 213 12.52 11.03 -0.43
C PRO A 213 13.41 10.97 -1.70
N ASN A 214 13.69 9.76 -2.16
CA ASN A 214 14.25 9.55 -3.50
C ASN A 214 13.25 10.02 -4.53
N PRO A 215 13.58 11.07 -5.31
CA PRO A 215 12.53 11.60 -6.19
C PRO A 215 12.17 10.67 -7.33
N LEU A 216 13.01 9.69 -7.61
CA LEU A 216 12.78 8.84 -8.77
C LEU A 216 12.11 7.52 -8.35
N VAL A 217 12.08 7.26 -7.05
CA VAL A 217 11.54 5.99 -6.57
C VAL A 217 10.66 6.21 -5.35
N ARG A 218 9.40 6.52 -5.61
CA ARG A 218 8.44 6.84 -4.55
C ARG A 218 8.36 5.76 -3.45
N ARG A 219 8.31 6.22 -2.19
CA ARG A 219 8.29 5.41 -0.96
C ARG A 219 9.65 4.84 -0.58
N PHE A 220 10.72 5.25 -1.28
CA PHE A 220 12.07 4.95 -0.83
C PHE A 220 12.78 6.25 -0.40
N MET A 221 13.51 6.20 0.70
CA MET A 221 14.23 7.36 1.24
C MET A 221 15.73 7.29 0.86
N VAL A 222 16.36 8.45 0.88
CA VAL A 222 17.80 8.60 0.69
C VAL A 222 18.41 9.14 1.98
N PHE A 223 19.50 8.56 2.42
CA PHE A 223 20.27 9.10 3.52
C PHE A 223 21.53 9.67 2.90
N GLU A 224 21.67 10.99 2.98
CA GLU A 224 22.79 11.65 2.32
C GLU A 224 23.77 12.21 3.33
N ILE A 225 25.03 11.88 3.15
CA ILE A 225 26.07 12.40 4.01
C ILE A 225 26.88 13.43 3.21
N THR A 226 27.16 14.57 3.84
CA THR A 226 27.97 15.62 3.22
C THR A 226 29.05 16.02 4.18
N SER A 227 30.23 16.35 3.67
CA SER A 227 31.30 16.84 4.51
C SER A 227 31.09 18.32 4.81
N LYS A 228 31.46 18.73 6.01
CA LYS A 228 31.50 20.15 6.33
C LYS A 228 32.68 20.75 5.56
N SER A 229 33.61 19.88 5.18
CA SER A 229 34.74 20.16 4.27
C SER A 229 35.37 21.53 4.44
N MET C 1 19.23 17.55 -8.15
CA MET C 1 18.32 17.43 -9.29
C MET C 1 17.13 18.38 -9.17
N ARG C 2 16.78 19.04 -10.27
CA ARG C 2 15.61 19.93 -10.27
C ARG C 2 14.63 19.41 -11.30
N ILE C 3 13.40 19.18 -10.86
CA ILE C 3 12.41 18.49 -11.66
C ILE C 3 11.14 19.30 -11.81
N VAL C 4 10.63 19.41 -13.03
CA VAL C 4 9.26 19.90 -13.18
C VAL C 4 8.36 18.70 -13.45
N ALA C 5 7.24 18.63 -12.73
CA ALA C 5 6.23 17.60 -12.97
C ALA C 5 4.85 18.23 -13.07
N ALA C 6 3.92 17.49 -13.66
CA ALA C 6 2.55 17.96 -13.81
C ALA C 6 1.54 16.83 -13.53
N ASP C 7 0.34 17.21 -13.10
CA ASP C 7 -0.75 16.26 -12.95
C ASP C 7 -2.08 16.99 -12.92
N THR C 8 -3.13 16.28 -13.30
CA THR C 8 -4.50 16.77 -13.19
C THR C 8 -5.21 15.94 -12.11
N GLY C 9 -5.94 16.60 -11.21
CA GLY C 9 -6.61 15.87 -10.14
C GLY C 9 -7.70 16.70 -9.50
N GLY C 10 -8.47 16.06 -8.62
CA GLY C 10 -9.62 16.71 -8.01
C GLY C 10 -10.82 16.57 -8.92
N ALA C 11 -11.95 16.19 -8.35
CA ALA C 11 -13.16 16.07 -9.16
C ALA C 11 -14.36 16.57 -8.38
N VAL C 12 -15.27 17.26 -9.06
CA VAL C 12 -16.58 17.51 -8.49
C VAL C 12 -17.35 16.19 -8.44
N LEU C 13 -17.95 15.87 -7.29
CA LEU C 13 -18.78 14.68 -7.18
C LEU C 13 -20.24 15.04 -7.01
N ASP C 14 -21.14 14.19 -7.49
CA ASP C 14 -22.55 14.40 -7.18
C ASP C 14 -22.86 13.81 -5.81
N GLU C 15 -24.13 13.85 -5.42
CA GLU C 15 -24.56 13.43 -4.10
C GLU C 15 -24.36 11.94 -3.83
N SER C 16 -24.21 11.16 -4.90
CA SER C 16 -23.97 9.73 -4.78
C SER C 16 -22.51 9.39 -5.06
N PHE C 17 -21.67 10.42 -4.95
CA PHE C 17 -20.21 10.31 -5.06
C PHE C 17 -19.72 9.88 -6.44
N GLN C 18 -20.52 10.12 -7.47
CA GLN C 18 -20.06 9.89 -8.84
C GLN C 18 -19.39 11.14 -9.40
N PRO C 19 -18.17 10.99 -9.95
CA PRO C 19 -17.46 12.16 -10.46
C PRO C 19 -18.13 12.76 -11.69
N VAL C 20 -18.14 14.09 -11.74
CA VAL C 20 -18.78 14.83 -12.82
C VAL C 20 -17.71 15.30 -13.81
N GLY C 21 -16.57 15.74 -13.29
CA GLY C 21 -15.47 16.23 -14.11
C GLY C 21 -14.30 16.63 -13.24
N LEU C 22 -13.12 16.76 -13.85
CA LEU C 22 -11.90 17.10 -13.09
C LEU C 22 -11.75 18.62 -12.95
N ILE C 23 -10.92 19.06 -12.01
CA ILE C 23 -10.86 20.48 -11.69
C ILE C 23 -9.53 21.16 -12.05
N ALA C 24 -8.42 20.66 -11.49
CA ALA C 24 -7.15 21.37 -11.56
C ALA C 24 -6.06 20.61 -12.30
N THR C 25 -5.36 21.31 -13.20
CA THR C 25 -4.10 20.82 -13.75
C THR C 25 -2.99 21.70 -13.17
N VAL C 26 -1.99 21.07 -12.58
CA VAL C 26 -0.90 21.78 -11.89
C VAL C 26 0.48 21.34 -12.39
N ALA C 27 1.39 22.31 -12.61
CA ALA C 27 2.80 21.99 -12.84
C ALA C 27 3.60 22.52 -11.66
N VAL C 28 4.51 21.71 -11.16
CA VAL C 28 5.32 22.07 -10.02
C VAL C 28 6.80 21.97 -10.33
N LEU C 29 7.59 22.84 -9.70
CA LEU C 29 9.04 22.68 -9.64
C LEU C 29 9.40 22.05 -8.31
N VAL C 30 10.17 20.97 -8.34
CA VAL C 30 10.56 20.28 -7.12
C VAL C 30 12.07 20.17 -7.01
N GLU C 31 12.60 20.56 -5.86
CA GLU C 31 14.04 20.53 -5.62
C GLU C 31 14.27 19.78 -4.33
N LYS C 32 15.53 19.44 -4.04
CA LYS C 32 15.88 18.81 -2.76
C LYS C 32 15.31 19.64 -1.61
N PRO C 33 14.74 19.01 -0.56
CA PRO C 33 14.63 17.57 -0.24
C PRO C 33 13.42 16.84 -0.86
N TYR C 34 12.81 17.39 -1.90
CA TYR C 34 11.80 16.66 -2.68
C TYR C 34 10.56 16.31 -1.87
N LYS C 35 10.13 17.24 -1.02
CA LYS C 35 8.94 16.98 -0.20
C LYS C 35 7.80 17.90 -0.57
N THR C 36 8.13 19.04 -1.17
CA THR C 36 7.11 20.00 -1.55
C THR C 36 7.54 20.78 -2.78
N SER C 37 6.77 21.82 -3.11
CA SER C 37 7.12 22.71 -4.20
C SER C 37 6.81 24.12 -3.75
N LYS C 38 7.69 25.05 -4.10
CA LYS C 38 7.49 26.46 -3.78
C LYS C 38 7.20 27.29 -5.05
N ARG C 39 7.24 26.66 -6.22
CA ARG C 39 6.98 27.36 -7.49
C ARG C 39 6.10 26.51 -8.37
N PHE C 40 4.92 27.01 -8.72
CA PHE C 40 3.97 26.15 -9.41
C PHE C 40 2.97 26.97 -10.22
N LEU C 41 2.31 26.30 -11.16
CA LEU C 41 1.29 26.90 -12.01
C LEU C 41 0.03 26.07 -11.95
N VAL C 42 -1.12 26.68 -12.15
CA VAL C 42 -2.36 25.95 -12.17
C VAL C 42 -3.20 26.35 -13.39
N LYS C 43 -3.89 25.38 -13.96
CA LYS C 43 -4.94 25.64 -14.96
C LYS C 43 -6.22 24.99 -14.45
N TYR C 44 -7.30 25.74 -14.33
CA TYR C 44 -8.54 25.14 -13.86
C TYR C 44 -9.37 24.68 -15.03
N ALA C 45 -9.91 23.47 -14.94
CA ALA C 45 -10.85 23.04 -15.96
C ALA C 45 -12.25 23.50 -15.62
N ASP C 46 -13.20 23.23 -16.50
CA ASP C 46 -14.61 23.37 -16.16
C ASP C 46 -15.15 21.97 -15.90
N PRO C 47 -15.31 21.60 -14.62
CA PRO C 47 -15.72 20.24 -14.31
C PRO C 47 -17.13 19.92 -14.81
N TYR C 48 -17.94 20.94 -15.07
CA TYR C 48 -19.32 20.72 -15.52
C TYR C 48 -19.44 20.64 -17.04
N ASN C 49 -18.31 20.76 -17.73
CA ASN C 49 -18.26 20.54 -19.17
C ASN C 49 -16.92 19.91 -19.49
N TYR C 50 -16.70 18.76 -18.87
CA TYR C 50 -15.44 18.04 -18.93
C TYR C 50 -15.75 16.68 -19.53
N ASP C 51 -14.88 16.19 -20.42
CA ASP C 51 -15.07 14.85 -20.91
C ASP C 51 -14.08 13.97 -20.19
N LEU C 52 -14.60 13.20 -19.23
CA LEU C 52 -13.77 12.39 -18.35
C LEU C 52 -13.09 11.28 -19.16
N SER C 53 -13.72 10.92 -20.28
CA SER C 53 -13.13 9.99 -21.22
C SER C 53 -12.85 10.65 -22.58
N GLY C 54 -11.69 11.28 -22.77
CA GLY C 54 -10.65 11.43 -21.78
C GLY C 54 -9.43 12.04 -22.46
N ARG C 55 -8.36 12.26 -21.68
CA ARG C 55 -7.05 12.72 -22.18
C ARG C 55 -6.95 14.15 -22.70
N GLN C 56 -7.80 15.06 -22.26
CA GLN C 56 -7.44 16.46 -22.42
C GLN C 56 -6.41 16.77 -21.34
N ALA C 57 -6.52 16.04 -20.23
CA ALA C 57 -5.66 16.25 -19.07
C ALA C 57 -4.18 16.16 -19.42
N ILE C 58 -3.79 15.08 -20.10
CA ILE C 58 -2.38 14.85 -20.37
C ILE C 58 -1.85 15.93 -21.34
N ARG C 59 -2.69 16.39 -22.25
CA ARG C 59 -2.29 17.48 -23.14
C ARG C 59 -2.11 18.79 -22.37
N ASP C 60 -3.05 19.08 -21.47
CA ASP C 60 -2.91 20.25 -20.60
C ASP C 60 -1.67 20.15 -19.71
N GLU C 61 -1.42 18.94 -19.20
CA GLU C 61 -0.28 18.70 -18.33
C GLU C 61 1.06 18.99 -19.01
N ILE C 62 1.26 18.46 -20.21
CA ILE C 62 2.55 18.60 -20.85
C ILE C 62 2.75 20.08 -21.24
N GLU C 63 1.68 20.77 -21.61
CA GLU C 63 1.77 22.18 -21.98
C GLU C 63 2.16 23.03 -20.78
N LEU C 64 1.52 22.77 -19.66
CA LEU C 64 1.78 23.55 -18.47
C LEU C 64 3.18 23.25 -17.93
N ALA C 65 3.59 21.99 -17.99
CA ALA C 65 4.95 21.61 -17.54
C ALA C 65 6.01 22.34 -18.37
N ILE C 66 5.81 22.39 -19.68
CA ILE C 66 6.74 23.09 -20.57
C ILE C 66 6.75 24.59 -20.26
N GLU C 67 5.57 25.15 -20.01
CA GLU C 67 5.49 26.57 -19.68
C GLU C 67 6.29 26.89 -18.42
N LEU C 68 6.15 26.07 -17.39
CA LEU C 68 6.92 26.24 -16.16
C LEU C 68 8.41 25.96 -16.41
N ALA C 69 8.71 24.89 -17.16
CA ALA C 69 10.11 24.54 -17.47
C ALA C 69 10.85 25.69 -18.19
N ARG C 70 10.16 26.43 -19.04
CA ARG C 70 10.82 27.55 -19.75
C ARG C 70 11.30 28.63 -18.77
N GLU C 71 10.58 28.82 -17.67
CA GLU C 71 10.96 29.79 -16.65
C GLU C 71 12.07 29.30 -15.70
N VAL C 72 11.97 28.05 -15.25
CA VAL C 72 12.83 27.58 -14.15
C VAL C 72 13.97 26.66 -14.59
N SER C 73 13.95 26.25 -15.85
CA SER C 73 15.01 25.41 -16.47
C SER C 73 15.42 24.17 -15.66
N PRO C 74 14.50 23.21 -15.54
CA PRO C 74 14.79 22.00 -14.75
C PRO C 74 15.75 21.06 -15.50
N ASP C 75 16.17 20.01 -14.80
CA ASP C 75 17.00 18.98 -15.39
C ASP C 75 16.18 18.05 -16.26
N VAL C 76 14.91 17.88 -15.91
CA VAL C 76 14.04 16.92 -16.56
C VAL C 76 12.58 17.29 -16.26
N ILE C 77 11.66 16.89 -17.14
CA ILE C 77 10.24 16.99 -16.86
C ILE C 77 9.63 15.59 -16.63
N HIS C 78 8.87 15.40 -15.54
CA HIS C 78 8.17 14.13 -15.29
C HIS C 78 6.71 14.26 -15.69
N LEU C 79 6.28 13.40 -16.60
CA LEU C 79 4.87 13.38 -17.02
C LEU C 79 4.15 12.23 -16.27
N ASN C 80 2.88 12.43 -15.91
CA ASN C 80 2.17 11.42 -15.13
C ASN C 80 1.57 10.34 -16.02
N SER C 81 2.44 9.48 -16.54
CA SER C 81 2.02 8.32 -17.30
C SER C 81 3.06 7.22 -17.08
N THR C 82 2.62 6.08 -16.58
CA THR C 82 3.54 5.04 -16.15
C THR C 82 3.94 4.18 -17.33
N LEU C 83 4.93 4.66 -18.09
CA LEU C 83 5.38 3.96 -19.29
C LEU C 83 6.83 3.49 -19.19
N GLY C 84 7.37 3.48 -17.98
CA GLY C 84 8.72 2.98 -17.76
C GLY C 84 9.82 4.02 -17.89
N GLY C 85 9.42 5.28 -18.02
CA GLY C 85 10.38 6.37 -18.05
C GLY C 85 10.89 6.70 -19.45
N ILE C 86 10.17 6.24 -20.48
CA ILE C 86 10.57 6.52 -21.85
C ILE C 86 10.44 8.01 -22.14
N GLU C 87 11.37 8.54 -22.91
CA GLU C 87 11.32 9.94 -23.35
C GLU C 87 10.20 10.10 -24.36
N VAL C 88 9.38 11.11 -24.16
CA VAL C 88 8.24 11.35 -25.02
C VAL C 88 8.66 11.72 -26.46
N ARG C 89 9.81 12.35 -26.64
CA ARG C 89 10.27 12.68 -27.99
C ARG C 89 10.61 11.43 -28.78
N LYS C 90 10.76 10.30 -28.08
CA LYS C 90 11.11 9.02 -28.70
C LYS C 90 9.91 8.12 -28.91
N LEU C 91 8.71 8.63 -28.62
CA LEU C 91 7.49 7.86 -28.78
C LEU C 91 7.02 7.81 -30.23
N ASP C 92 7.27 6.68 -30.87
CA ASP C 92 6.72 6.40 -32.20
C ASP C 92 6.00 5.05 -32.16
N GLU C 93 5.43 4.66 -33.30
CA GLU C 93 4.58 3.48 -33.36
C GLU C 93 5.35 2.26 -32.89
N SER C 94 6.62 2.20 -33.26
CA SER C 94 7.51 1.11 -32.89
C SER C 94 7.82 1.01 -31.39
N THR C 95 8.19 2.13 -30.78
CA THR C 95 8.58 2.12 -29.38
C THR C 95 7.39 1.88 -28.46
N ILE C 96 6.20 2.32 -28.90
CA ILE C 96 4.98 2.12 -28.13
C ILE C 96 4.55 0.64 -28.06
N ASP C 97 4.71 -0.10 -29.17
CA ASP C 97 4.39 -1.53 -29.15
C ASP C 97 5.34 -2.32 -28.24
N ALA C 98 6.57 -1.84 -28.11
CA ALA C 98 7.55 -2.49 -27.25
C ALA C 98 7.26 -2.26 -25.76
N LEU C 99 6.44 -1.25 -25.47
CA LEU C 99 6.11 -0.91 -24.09
C LEU C 99 5.34 -2.02 -23.40
N GLN C 100 5.64 -2.22 -22.12
CA GLN C 100 4.96 -3.22 -21.31
C GLN C 100 3.69 -2.65 -20.67
N ILE C 101 2.73 -2.27 -21.50
CA ILE C 101 1.45 -1.75 -21.03
C ILE C 101 0.32 -2.49 -21.74
N SER C 102 -0.91 -2.24 -21.31
CA SER C 102 -2.08 -2.89 -21.90
C SER C 102 -2.28 -2.47 -23.36
N ASP C 103 -3.07 -3.25 -24.09
CA ASP C 103 -3.28 -2.99 -25.51
C ASP C 103 -4.10 -1.71 -25.73
N ARG C 104 -4.96 -1.36 -24.79
CA ARG C 104 -5.67 -0.07 -24.82
C ARG C 104 -4.69 1.07 -24.59
N GLY C 105 -3.79 0.90 -23.63
CA GLY C 105 -2.76 1.88 -23.35
C GLY C 105 -1.88 2.16 -24.55
N LYS C 106 -1.59 1.13 -25.33
CA LYS C 106 -0.77 1.29 -26.53
C LYS C 106 -1.51 2.10 -27.58
N GLU C 107 -2.78 1.79 -27.80
CA GLU C 107 -3.55 2.49 -28.82
C GLU C 107 -3.84 3.94 -28.39
N ILE C 108 -4.05 4.16 -27.09
CA ILE C 108 -4.25 5.51 -26.57
C ILE C 108 -3.02 6.38 -26.84
N TRP C 109 -1.83 5.80 -26.65
CA TRP C 109 -0.60 6.57 -26.78
C TRP C 109 -0.15 6.69 -28.23
N LYS C 110 -0.58 5.77 -29.08
CA LYS C 110 -0.33 5.92 -30.51
C LYS C 110 -1.08 7.13 -31.04
N GLU C 111 -2.26 7.41 -30.46
CA GLU C 111 -3.01 8.60 -30.83
C GLU C 111 -2.43 9.86 -30.19
N LEU C 112 -2.07 9.77 -28.91
CA LEU C 112 -1.48 10.91 -28.20
C LEU C 112 -0.13 11.31 -28.79
N SER C 113 0.62 10.32 -29.30
CA SER C 113 1.93 10.54 -29.91
C SER C 113 1.88 11.58 -31.01
N LYS C 114 0.78 11.60 -31.74
CA LYS C 114 0.62 12.44 -32.91
C LYS C 114 0.82 13.93 -32.59
N ASP C 115 0.46 14.34 -31.38
CA ASP C 115 0.63 15.72 -30.92
C ASP C 115 1.77 15.88 -29.90
N LEU C 116 1.90 14.92 -28.99
CA LEU C 116 2.86 15.02 -27.89
C LEU C 116 4.32 14.75 -28.30
N GLN C 117 4.55 13.84 -29.22
CA GLN C 117 5.93 13.56 -29.62
C GLN C 117 6.60 14.79 -30.28
N PRO C 118 5.93 15.46 -31.25
CA PRO C 118 6.55 16.65 -31.82
C PRO C 118 6.78 17.77 -30.79
N LEU C 119 5.87 17.88 -29.83
CA LEU C 119 5.98 18.88 -28.79
C LEU C 119 7.23 18.67 -27.92
N ALA C 120 7.43 17.42 -27.48
CA ALA C 120 8.58 17.05 -26.68
C ALA C 120 9.87 17.17 -27.49
N LYS C 121 9.80 16.80 -28.76
CA LYS C 121 10.95 16.89 -29.64
C LYS C 121 11.42 18.33 -29.79
N LYS C 122 10.49 19.24 -30.06
CA LYS C 122 10.86 20.63 -30.23
C LYS C 122 11.45 21.21 -28.94
N PHE C 123 10.89 20.83 -27.81
CA PHE C 123 11.38 21.33 -26.54
C PHE C 123 12.78 20.77 -26.21
N TRP C 124 13.00 19.49 -26.47
CA TRP C 124 14.34 18.92 -26.29
C TRP C 124 15.37 19.57 -27.23
N GLU C 125 14.97 19.84 -28.47
CA GLU C 125 15.88 20.49 -29.40
C GLU C 125 16.30 21.84 -28.84
N GLU C 126 15.36 22.54 -28.21
CA GLU C 126 15.63 23.88 -27.72
C GLU C 126 16.52 23.93 -26.49
N THR C 127 16.40 22.90 -25.64
CA THR C 127 16.94 22.96 -24.29
C THR C 127 17.78 21.75 -23.87
N GLY C 128 17.58 20.61 -24.52
CA GLY C 128 18.19 19.36 -24.09
C GLY C 128 17.42 18.68 -22.95
N ILE C 129 16.30 19.27 -22.54
CA ILE C 129 15.51 18.71 -21.45
C ILE C 129 14.54 17.63 -21.95
N GLU C 130 14.61 16.44 -21.36
CA GLU C 130 13.70 15.36 -21.70
C GLU C 130 12.38 15.50 -20.94
N ILE C 131 11.31 15.05 -21.57
CA ILE C 131 10.02 14.87 -20.92
C ILE C 131 9.81 13.36 -20.81
N ILE C 132 9.78 12.83 -19.60
CA ILE C 132 9.71 11.38 -19.45
C ILE C 132 8.38 10.89 -18.86
N ALA C 133 7.89 9.80 -19.44
CA ALA C 133 6.65 9.20 -18.98
C ALA C 133 6.98 8.26 -17.83
N ILE C 134 7.08 8.83 -16.63
CA ILE C 134 7.49 8.06 -15.48
C ILE C 134 6.31 7.70 -14.57
N GLY C 135 5.36 8.61 -14.42
CA GLY C 135 4.13 8.33 -13.67
C GLY C 135 4.31 8.00 -12.19
N LYS C 136 3.78 6.85 -11.78
CA LYS C 136 3.59 6.47 -10.37
C LYS C 136 4.87 6.43 -9.55
N SER C 137 5.99 6.28 -10.25
CA SER C 137 7.30 6.17 -9.62
C SER C 137 7.84 7.52 -9.13
N SER C 138 7.32 8.60 -9.68
CA SER C 138 7.90 9.92 -9.47
C SER C 138 7.39 10.60 -8.20
N VAL C 139 8.29 11.08 -7.35
CA VAL C 139 7.81 11.88 -6.22
C VAL C 139 7.32 13.26 -6.70
N PRO C 140 8.05 13.93 -7.64
CA PRO C 140 7.50 15.20 -8.12
C PRO C 140 6.09 15.12 -8.70
N VAL C 141 5.78 14.05 -9.42
CA VAL C 141 4.41 13.84 -9.91
C VAL C 141 3.41 13.71 -8.74
N ARG C 142 3.81 13.00 -7.68
CA ARG C 142 2.93 12.89 -6.51
C ARG C 142 2.75 14.27 -5.82
N ILE C 143 3.79 15.09 -5.79
CA ILE C 143 3.66 16.46 -5.25
C ILE C 143 2.74 17.31 -6.15
N ALA C 144 2.87 17.16 -7.46
CA ALA C 144 1.90 17.82 -8.36
C ALA C 144 0.47 17.40 -8.06
N GLU C 145 0.27 16.13 -7.79
CA GLU C 145 -1.04 15.58 -7.49
C GLU C 145 -1.61 16.18 -6.21
N ILE C 146 -0.76 16.31 -5.19
CA ILE C 146 -1.18 16.91 -3.94
C ILE C 146 -1.61 18.36 -4.19
N TYR C 147 -0.86 19.10 -5.00
CA TYR C 147 -1.22 20.48 -5.33
C TYR C 147 -2.50 20.54 -6.15
N ALA C 148 -2.73 19.53 -6.99
CA ALA C 148 -3.99 19.49 -7.72
C ALA C 148 -5.15 19.34 -6.73
N GLY C 149 -4.96 18.57 -5.68
CA GLY C 149 -5.95 18.46 -4.60
C GLY C 149 -6.21 19.80 -3.91
N ILE C 150 -5.13 20.48 -3.53
CA ILE C 150 -5.21 21.78 -2.88
C ILE C 150 -5.91 22.81 -3.76
N PHE C 151 -5.52 22.88 -5.02
CA PHE C 151 -6.10 23.84 -5.93
C PHE C 151 -7.56 23.52 -6.26
N SER C 152 -7.92 22.24 -6.16
CA SER C 152 -9.31 21.82 -6.35
C SER C 152 -10.20 22.36 -5.22
N VAL C 153 -9.65 22.32 -4.01
CA VAL C 153 -10.33 22.85 -2.84
C VAL C 153 -10.36 24.38 -2.93
N LYS C 154 -9.28 24.98 -3.39
CA LYS C 154 -9.28 26.44 -3.61
C LYS C 154 -10.38 26.83 -4.59
N TRP C 155 -10.48 26.06 -5.68
CA TRP C 155 -11.49 26.30 -6.69
C TRP C 155 -12.89 26.16 -6.08
N ALA C 156 -13.08 25.16 -5.24
CA ALA C 156 -14.39 24.92 -4.62
C ALA C 156 -14.78 26.06 -3.69
N LEU C 157 -13.83 26.51 -2.88
CA LEU C 157 -14.06 27.66 -1.99
C LEU C 157 -14.42 28.92 -2.78
N ASP C 158 -13.74 29.11 -3.91
CA ASP C 158 -13.95 30.29 -4.74
C ASP C 158 -15.23 30.19 -5.57
N ASN C 159 -15.74 28.98 -5.77
CA ASN C 159 -16.87 28.81 -6.69
C ASN C 159 -18.15 28.30 -6.05
N VAL C 160 -18.12 28.10 -4.73
CA VAL C 160 -19.33 27.65 -4.05
C VAL C 160 -20.29 28.82 -3.87
N GLY C 164 -24.77 26.63 -2.93
CA GLY C 164 -25.15 26.21 -1.59
C GLY C 164 -24.45 24.95 -1.09
N GLY C 165 -23.54 24.40 -1.89
CA GLY C 165 -22.84 23.18 -1.50
C GLY C 165 -22.03 22.54 -2.61
N LEU C 166 -20.86 21.99 -2.25
CA LEU C 166 -19.95 21.33 -3.21
C LEU C 166 -19.26 20.12 -2.58
N LEU C 167 -19.12 19.05 -3.36
CA LEU C 167 -18.34 17.89 -2.96
C LEU C 167 -17.09 17.78 -3.81
N VAL C 168 -15.93 17.84 -3.20
CA VAL C 168 -14.69 17.66 -3.96
C VAL C 168 -14.06 16.31 -3.66
N GLY C 169 -13.93 15.48 -4.68
CA GLY C 169 -13.19 14.24 -4.54
C GLY C 169 -11.71 14.54 -4.71
N LEU C 170 -10.93 14.31 -3.66
CA LEU C 170 -9.50 14.60 -3.70
C LEU C 170 -8.73 13.47 -4.37
N PRO C 171 -7.49 13.74 -4.83
CA PRO C 171 -6.61 12.65 -5.25
C PRO C 171 -6.40 11.68 -4.11
N ARG C 172 -5.79 10.54 -4.42
CA ARG C 172 -5.71 9.43 -3.47
C ARG C 172 -4.99 9.77 -2.18
N TYR C 173 -5.57 9.28 -1.10
CA TYR C 173 -5.03 9.37 0.26
C TYR C 173 -4.24 10.65 0.54
N MET C 174 -4.95 11.76 0.45
CA MET C 174 -4.40 13.02 0.91
C MET C 174 -5.48 13.77 1.69
N GLU C 175 -5.04 14.65 2.57
CA GLU C 175 -5.92 15.49 3.34
C GLU C 175 -5.62 16.95 3.03
N VAL C 176 -6.59 17.82 3.32
CA VAL C 176 -6.33 19.26 3.27
C VAL C 176 -6.68 19.89 4.60
N GLU C 177 -6.00 20.96 4.93
CA GLU C 177 -6.40 21.72 6.10
C GLU C 177 -6.52 23.19 5.72
N ILE C 178 -7.58 23.80 6.23
CA ILE C 178 -7.91 25.18 5.94
C ILE C 178 -7.35 26.03 7.05
N LYS C 179 -6.60 27.05 6.65
CA LYS C 179 -6.08 28.04 7.57
C LYS C 179 -6.63 29.41 7.17
N LYS C 180 -6.35 30.42 7.98
CA LYS C 180 -6.89 31.76 7.81
C LYS C 180 -6.63 32.34 6.41
N ASP C 181 -5.43 32.08 5.88
CA ASP C 181 -4.95 32.67 4.62
C ASP C 181 -4.34 31.63 3.66
N LYS C 182 -4.55 30.35 3.95
CA LYS C 182 -3.96 29.32 3.10
C LYS C 182 -4.62 27.99 3.28
N ILE C 183 -4.39 27.13 2.29
CA ILE C 183 -4.77 25.73 2.31
C ILE C 183 -3.51 24.89 2.30
N ILE C 184 -3.44 23.93 3.21
CA ILE C 184 -2.33 23.00 3.28
C ILE C 184 -2.81 21.62 2.84
N GLY C 185 -2.06 20.97 1.98
CA GLY C 185 -2.37 19.61 1.59
C GLY C 185 -1.23 18.71 2.04
N LYS C 186 -1.57 17.50 2.48
CA LYS C 186 -0.59 16.51 2.92
C LYS C 186 -0.97 15.12 2.42
N SER C 187 0.03 14.32 2.06
CA SER C 187 -0.21 12.90 1.84
C SER C 187 -0.58 12.25 3.16
N LEU C 188 -1.54 11.33 3.13
CA LEU C 188 -1.86 10.52 4.30
C LEU C 188 -0.96 9.28 4.39
N ASP C 189 -0.12 9.06 3.38
CA ASP C 189 0.74 7.87 3.41
C ASP C 189 2.10 8.21 3.99
N PRO C 190 2.36 7.78 5.23
CA PRO C 190 3.69 8.09 5.76
C PRO C 190 4.83 7.37 5.03
N ARG C 191 4.53 6.33 4.26
CA ARG C 191 5.57 5.65 3.48
C ARG C 191 6.18 6.60 2.45
N GLU C 192 5.46 7.65 2.09
CA GLU C 192 5.95 8.60 1.08
C GLU C 192 6.94 9.62 1.67
N GLY C 193 7.07 9.64 2.99
CA GLY C 193 8.17 10.40 3.58
C GLY C 193 7.82 11.86 3.90
N GLY C 194 6.54 12.22 3.96
CA GLY C 194 6.09 13.55 4.38
C GLY C 194 5.90 14.57 3.25
N LEU C 195 5.17 14.18 2.21
CA LEU C 195 4.95 15.06 1.06
C LEU C 195 3.81 16.01 1.36
N TYR C 196 3.97 17.29 1.01
CA TYR C 196 2.95 18.29 1.33
C TYR C 196 2.97 19.48 0.38
N GLY C 197 1.95 20.30 0.46
CA GLY C 197 1.89 21.52 -0.34
C GLY C 197 1.15 22.60 0.44
N GLU C 198 1.31 23.83 -0.02
CA GLU C 198 0.67 24.97 0.62
C GLU C 198 0.38 26.03 -0.41
N VAL C 199 -0.85 26.53 -0.41
CA VAL C 199 -1.28 27.55 -1.35
C VAL C 199 -2.01 28.67 -0.62
N LYS C 200 -1.60 29.91 -0.90
CA LYS C 200 -2.27 31.11 -0.36
C LYS C 200 -3.65 31.24 -0.95
N THR C 201 -4.61 31.64 -0.13
CA THR C 201 -5.95 31.94 -0.62
C THR C 201 -6.74 32.71 0.43
N GLU C 202 -7.76 33.44 0.00
CA GLU C 202 -8.66 34.01 0.99
C GLU C 202 -9.83 33.08 1.19
N VAL C 203 -10.11 32.77 2.43
CA VAL C 203 -11.18 31.83 2.73
C VAL C 203 -12.48 32.58 2.90
N PRO C 204 -13.47 32.24 2.07
CA PRO C 204 -14.75 32.95 2.10
C PRO C 204 -15.51 32.73 3.41
N GLN C 205 -16.35 33.70 3.76
CA GLN C 205 -17.21 33.58 4.92
C GLN C 205 -18.52 32.87 4.55
N GLY C 206 -19.27 32.47 5.56
CA GLY C 206 -20.60 31.93 5.35
C GLY C 206 -20.64 30.48 4.88
N ILE C 207 -19.51 29.79 4.97
CA ILE C 207 -19.49 28.39 4.58
C ILE C 207 -18.84 27.49 5.62
N LYS C 208 -19.25 26.23 5.61
CA LYS C 208 -18.65 25.24 6.49
C LYS C 208 -18.05 24.15 5.64
N TRP C 209 -17.12 23.41 6.24
CA TRP C 209 -16.48 22.32 5.54
C TRP C 209 -16.22 21.11 6.43
N GLU C 210 -16.06 19.96 5.76
CA GLU C 210 -15.65 18.74 6.44
C GLU C 210 -14.91 17.86 5.45
N LEU C 211 -14.03 17.02 5.99
CA LEU C 211 -13.24 16.08 5.21
C LEU C 211 -13.58 14.69 5.74
N TYR C 212 -13.94 13.76 4.86
CA TYR C 212 -14.27 12.39 5.30
C TYR C 212 -14.02 11.39 4.17
N PRO C 213 -13.96 10.08 4.51
CA PRO C 213 -13.72 9.09 3.47
C PRO C 213 -14.84 9.01 2.44
N ASN C 214 -14.49 8.99 1.16
CA ASN C 214 -15.43 8.60 0.10
C ASN C 214 -15.87 7.14 0.31
N PRO C 215 -17.17 6.91 0.58
CA PRO C 215 -17.53 5.53 0.93
C PRO C 215 -17.41 4.55 -0.23
N LEU C 216 -17.39 5.04 -1.47
CA LEU C 216 -17.40 4.16 -2.64
C LEU C 216 -16.01 3.97 -3.22
N VAL C 217 -15.05 4.75 -2.75
CA VAL C 217 -13.70 4.69 -3.27
C VAL C 217 -12.69 4.73 -2.13
N ARG C 218 -12.39 3.56 -1.57
CA ARG C 218 -11.52 3.42 -0.41
C ARG C 218 -10.16 4.09 -0.60
N ARG C 219 -9.70 4.77 0.45
CA ARG C 219 -8.45 5.55 0.49
C ARG C 219 -8.52 6.88 -0.27
N PHE C 220 -9.70 7.26 -0.77
CA PHE C 220 -9.88 8.61 -1.30
C PHE C 220 -10.80 9.39 -0.35
N MET C 221 -10.44 10.64 -0.09
CA MET C 221 -11.21 11.50 0.81
C MET C 221 -12.11 12.46 0.02
N VAL C 222 -13.16 12.93 0.68
CA VAL C 222 -14.05 13.94 0.14
C VAL C 222 -13.93 15.19 0.98
N PHE C 223 -13.78 16.34 0.32
CA PHE C 223 -13.85 17.62 1.01
C PHE C 223 -15.20 18.22 0.64
N GLU C 224 -16.05 18.37 1.64
CA GLU C 224 -17.39 18.84 1.40
C GLU C 224 -17.62 20.23 1.97
N ILE C 225 -18.14 21.12 1.14
CA ILE C 225 -18.46 22.47 1.53
C ILE C 225 -19.96 22.64 1.57
N THR C 226 -20.45 23.26 2.65
CA THR C 226 -21.88 23.50 2.78
C THR C 226 -22.10 24.97 3.15
N SER C 227 -23.18 25.55 2.65
CA SER C 227 -23.50 26.92 2.99
C SER C 227 -24.13 26.98 4.39
N LYS C 228 -23.79 28.01 5.16
CA LYS C 228 -24.46 28.28 6.43
C LYS C 228 -25.86 28.84 6.23
N SER C 229 -26.12 29.44 5.07
CA SER C 229 -27.47 29.90 4.73
C SER C 229 -28.26 28.84 3.99
N MET E 1 -25.66 9.22 2.07
CA MET E 1 -25.92 7.86 1.63
C MET E 1 -25.95 6.91 2.84
N ARG E 2 -26.85 5.93 2.83
CA ARG E 2 -26.90 4.96 3.93
C ARG E 2 -26.62 3.55 3.40
N ILE E 3 -25.60 2.90 3.95
CA ILE E 3 -25.11 1.65 3.37
C ILE E 3 -25.04 0.49 4.36
N VAL E 4 -25.57 -0.66 3.96
CA VAL E 4 -25.30 -1.88 4.71
C VAL E 4 -24.22 -2.70 3.98
N ALA E 5 -23.20 -3.11 4.72
CA ALA E 5 -22.17 -4.00 4.18
C ALA E 5 -21.92 -5.13 5.16
N ALA E 6 -21.32 -6.21 4.67
CA ALA E 6 -21.03 -7.34 5.53
C ALA E 6 -19.67 -7.93 5.20
N ASP E 7 -19.07 -8.60 6.18
CA ASP E 7 -17.82 -9.31 5.95
C ASP E 7 -17.60 -10.40 7.00
N THR E 8 -16.82 -11.40 6.61
CA THR E 8 -16.37 -12.44 7.51
C THR E 8 -14.86 -12.26 7.71
N GLY E 9 -14.42 -12.30 8.96
CA GLY E 9 -13.01 -12.13 9.25
C GLY E 9 -12.63 -12.55 10.66
N GLY E 10 -11.33 -12.61 10.93
CA GLY E 10 -10.85 -13.10 12.20
C GLY E 10 -10.74 -14.61 12.11
N ALA E 11 -9.61 -15.17 12.52
CA ALA E 11 -9.42 -16.61 12.46
C ALA E 11 -8.72 -17.16 13.69
N VAL E 12 -9.16 -18.32 14.17
CA VAL E 12 -8.38 -19.06 15.16
C VAL E 12 -7.12 -19.57 14.48
N LEU E 13 -5.97 -19.37 15.13
CA LEU E 13 -4.69 -19.88 14.62
C LEU E 13 -4.18 -20.97 15.53
N ASP E 14 -3.44 -21.94 14.98
CA ASP E 14 -2.74 -22.90 15.83
C ASP E 14 -1.39 -22.28 16.24
N GLU E 15 -0.59 -23.04 16.98
CA GLU E 15 0.64 -22.52 17.54
C GLU E 15 1.72 -22.19 16.50
N SER E 16 1.54 -22.66 15.27
CA SER E 16 2.45 -22.27 14.19
C SER E 16 1.82 -21.18 13.29
N PHE E 17 0.83 -20.50 13.84
CA PHE E 17 0.15 -19.36 13.19
C PHE E 17 -0.60 -19.78 11.94
N GLN E 18 -0.95 -21.05 11.86
CA GLN E 18 -1.77 -21.53 10.74
C GLN E 18 -3.25 -21.38 11.10
N PRO E 19 -4.04 -20.77 10.20
CA PRO E 19 -5.47 -20.59 10.47
C PRO E 19 -6.25 -21.91 10.49
N VAL E 20 -7.17 -22.02 11.46
CA VAL E 20 -7.99 -23.20 11.64
C VAL E 20 -9.40 -22.99 11.07
N GLY E 21 -9.94 -21.80 11.29
CA GLY E 21 -11.26 -21.47 10.81
C GLY E 21 -11.58 -20.03 11.15
N LEU E 22 -12.60 -19.48 10.49
CA LEU E 22 -12.97 -18.09 10.66
C LEU E 22 -13.95 -17.99 11.83
N ILE E 23 -14.13 -16.78 12.36
CA ILE E 23 -14.89 -16.60 13.59
C ILE E 23 -16.15 -15.79 13.40
N ALA E 24 -16.03 -14.55 12.92
CA ALA E 24 -17.16 -13.64 12.96
C ALA E 24 -17.61 -13.19 11.58
N THR E 25 -18.92 -13.23 11.36
CA THR E 25 -19.53 -12.55 10.24
C THR E 25 -20.29 -11.35 10.78
N VAL E 26 -20.02 -10.18 10.23
CA VAL E 26 -20.62 -8.96 10.74
C VAL E 26 -21.32 -8.18 9.63
N ALA E 27 -22.52 -7.70 9.90
CA ALA E 27 -23.19 -6.75 9.02
C ALA E 27 -23.28 -5.39 9.69
N VAL E 28 -22.90 -4.33 8.99
CA VAL E 28 -22.92 -2.98 9.55
C VAL E 28 -23.76 -2.01 8.73
N LEU E 29 -24.37 -1.06 9.43
CA LEU E 29 -24.96 0.10 8.78
C LEU E 29 -23.98 1.24 8.88
N VAL E 30 -23.66 1.84 7.74
CA VAL E 30 -22.71 2.95 7.70
C VAL E 30 -23.34 4.19 7.08
N GLU E 31 -23.19 5.30 7.78
CA GLU E 31 -23.70 6.60 7.36
C GLU E 31 -22.58 7.63 7.43
N LYS E 32 -22.82 8.82 6.90
CA LYS E 32 -21.87 9.94 6.98
C LYS E 32 -21.44 10.17 8.43
N PRO E 33 -20.15 10.43 8.67
CA PRO E 33 -19.00 10.63 7.77
C PRO E 33 -18.27 9.35 7.35
N TYR E 34 -18.94 8.19 7.44
CA TYR E 34 -18.43 6.95 6.87
C TYR E 34 -17.12 6.50 7.50
N LYS E 35 -16.98 6.62 8.81
CA LYS E 35 -15.75 6.22 9.49
C LYS E 35 -15.94 5.03 10.44
N THR E 36 -17.19 4.84 10.87
CA THR E 36 -17.51 3.77 11.80
C THR E 36 -18.94 3.28 11.59
N SER E 37 -19.43 2.46 12.51
CA SER E 37 -20.82 2.04 12.48
C SER E 37 -21.37 2.03 13.89
N LYS E 38 -22.61 2.49 14.06
CA LYS E 38 -23.26 2.48 15.36
C LYS E 38 -24.37 1.44 15.41
N ARG E 39 -24.64 0.80 14.28
CA ARG E 39 -25.69 -0.21 14.21
C ARG E 39 -25.21 -1.40 13.42
N PHE E 40 -25.13 -2.56 14.06
CA PHE E 40 -24.53 -3.73 13.42
C PHE E 40 -25.07 -5.03 14.01
N LEU E 41 -24.86 -6.12 13.26
CA LEU E 41 -25.23 -7.48 13.67
C LEU E 41 -24.02 -8.40 13.52
N VAL E 42 -23.97 -9.45 14.33
CA VAL E 42 -22.89 -10.42 14.25
C VAL E 42 -23.40 -11.86 14.24
N LYS E 43 -22.76 -12.70 13.44
CA LYS E 43 -23.00 -14.14 13.49
C LYS E 43 -21.67 -14.86 13.69
N TYR E 44 -21.59 -15.70 14.71
CA TYR E 44 -20.35 -16.43 14.95
C TYR E 44 -20.36 -17.79 14.26
N ALA E 45 -19.27 -18.12 13.61
CA ALA E 45 -19.10 -19.46 13.05
C ALA E 45 -18.48 -20.37 14.10
N ASP E 46 -18.36 -21.65 13.79
CA ASP E 46 -17.56 -22.56 14.60
C ASP E 46 -16.23 -22.77 13.91
N PRO E 47 -15.18 -22.10 14.41
CA PRO E 47 -13.86 -22.10 13.77
C PRO E 47 -13.19 -23.47 13.79
N TYR E 48 -13.65 -24.34 14.69
CA TYR E 48 -13.05 -25.66 14.82
C TYR E 48 -13.75 -26.67 13.91
N ASN E 49 -14.76 -26.20 13.20
CA ASN E 49 -15.41 -26.99 12.17
C ASN E 49 -15.79 -26.09 11.03
N TYR E 50 -14.79 -25.46 10.44
CA TYR E 50 -14.96 -24.49 9.37
C TYR E 50 -14.23 -24.97 8.13
N ASP E 51 -14.86 -24.81 6.97
CA ASP E 51 -14.22 -25.13 5.71
C ASP E 51 -13.75 -23.85 5.01
N LEU E 52 -12.44 -23.60 5.08
CA LEU E 52 -11.84 -22.38 4.54
C LEU E 52 -11.95 -22.29 3.03
N SER E 53 -12.18 -23.43 2.38
CA SER E 53 -12.35 -23.46 0.94
C SER E 53 -13.82 -23.36 0.54
N GLY E 54 -14.69 -23.29 1.53
CA GLY E 54 -16.11 -23.54 1.31
C GLY E 54 -16.94 -22.40 0.77
N ARG E 55 -16.58 -21.16 1.10
CA ARG E 55 -17.28 -19.98 0.61
C ARG E 55 -18.68 -20.00 1.21
N GLN E 56 -18.77 -20.52 2.43
CA GLN E 56 -19.92 -20.33 3.30
C GLN E 56 -19.94 -18.88 3.76
N ALA E 57 -18.75 -18.27 3.78
CA ALA E 57 -18.58 -16.90 4.25
C ALA E 57 -19.49 -15.94 3.50
N ILE E 58 -19.42 -15.96 2.18
CA ILE E 58 -20.19 -15.00 1.37
C ILE E 58 -21.69 -15.26 1.46
N ARG E 59 -22.09 -16.51 1.63
CA ARG E 59 -23.50 -16.84 1.83
C ARG E 59 -23.99 -16.32 3.18
N ASP E 60 -23.20 -16.51 4.22
CA ASP E 60 -23.52 -15.95 5.53
C ASP E 60 -23.57 -14.43 5.47
N GLU E 61 -22.64 -13.83 4.74
CA GLU E 61 -22.59 -12.37 4.62
C GLU E 61 -23.84 -11.78 3.99
N ILE E 62 -24.27 -12.33 2.86
CA ILE E 62 -25.40 -11.74 2.14
C ILE E 62 -26.68 -11.92 2.94
N GLU E 63 -26.79 -13.01 3.67
CA GLU E 63 -27.98 -13.26 4.49
C GLU E 63 -28.07 -12.24 5.63
N LEU E 64 -26.95 -12.02 6.30
CA LEU E 64 -26.90 -11.11 7.44
C LEU E 64 -27.11 -9.66 6.99
N ALA E 65 -26.53 -9.31 5.84
CA ALA E 65 -26.68 -7.97 5.28
C ALA E 65 -28.14 -7.68 5.01
N ILE E 66 -28.82 -8.64 4.40
CA ILE E 66 -30.25 -8.52 4.10
C ILE E 66 -31.07 -8.42 5.39
N GLU E 67 -30.70 -9.22 6.39
CA GLU E 67 -31.38 -9.20 7.68
C GLU E 67 -31.29 -7.81 8.33
N LEU E 68 -30.10 -7.21 8.32
CA LEU E 68 -29.92 -5.85 8.85
C LEU E 68 -30.63 -4.82 7.99
N ALA E 69 -30.54 -4.99 6.67
CA ALA E 69 -31.16 -4.07 5.72
C ALA E 69 -32.67 -3.96 5.90
N ARG E 70 -33.31 -5.08 6.22
CA ARG E 70 -34.76 -5.08 6.43
C ARG E 70 -35.14 -4.23 7.63
N GLU E 71 -34.25 -4.16 8.61
CA GLU E 71 -34.48 -3.36 9.81
C GLU E 71 -34.21 -1.86 9.62
N VAL E 72 -33.10 -1.52 8.95
CA VAL E 72 -32.64 -0.13 8.88
C VAL E 72 -32.90 0.53 7.53
N SER E 73 -33.35 -0.25 6.56
CA SER E 73 -33.72 0.25 5.22
C SER E 73 -32.67 1.16 4.54
N PRO E 74 -31.51 0.60 4.20
CA PRO E 74 -30.42 1.37 3.58
C PRO E 74 -30.70 1.67 2.11
N ASP E 75 -29.83 2.47 1.48
CA ASP E 75 -29.95 2.75 0.05
C ASP E 75 -29.41 1.59 -0.80
N VAL E 76 -28.42 0.89 -0.26
CA VAL E 76 -27.72 -0.14 -1.03
C VAL E 76 -27.02 -1.10 -0.08
N ILE E 77 -26.81 -2.34 -0.55
CA ILE E 77 -26.00 -3.32 0.19
C ILE E 77 -24.67 -3.53 -0.54
N HIS E 78 -23.57 -3.41 0.20
CA HIS E 78 -22.24 -3.69 -0.34
C HIS E 78 -21.78 -5.07 0.08
N LEU E 79 -21.50 -5.91 -0.91
CA LEU E 79 -21.00 -7.26 -0.66
C LEU E 79 -19.49 -7.31 -0.83
N ASN E 80 -18.82 -8.11 0.00
CA ASN E 80 -17.36 -8.15 -0.07
C ASN E 80 -16.85 -9.14 -1.13
N SER E 81 -17.06 -8.78 -2.39
CA SER E 81 -16.50 -9.52 -3.50
C SER E 81 -16.23 -8.51 -4.60
N THR E 82 -14.98 -8.41 -5.03
CA THR E 82 -14.57 -7.32 -5.92
C THR E 82 -14.86 -7.67 -7.38
N LEU E 83 -16.10 -7.41 -7.80
CA LEU E 83 -16.52 -7.74 -9.15
C LEU E 83 -16.86 -6.49 -9.95
N GLY E 84 -16.41 -5.34 -9.48
CA GLY E 84 -16.61 -4.09 -10.20
C GLY E 84 -17.91 -3.38 -9.88
N GLY E 85 -18.64 -3.87 -8.88
CA GLY E 85 -19.84 -3.22 -8.41
C GLY E 85 -21.10 -3.66 -9.15
N ILE E 86 -20.99 -4.79 -9.83
CA ILE E 86 -22.12 -5.34 -10.57
C ILE E 86 -23.23 -5.74 -9.60
N GLU E 87 -24.48 -5.57 -10.02
CA GLU E 87 -25.62 -5.99 -9.22
C GLU E 87 -25.69 -7.51 -9.16
N VAL E 88 -25.87 -8.06 -7.96
CA VAL E 88 -25.93 -9.52 -7.78
C VAL E 88 -27.16 -10.12 -8.45
N ARG E 89 -28.24 -9.35 -8.51
CA ARG E 89 -29.47 -9.80 -9.16
C ARG E 89 -29.30 -9.92 -10.66
N LYS E 90 -28.21 -9.33 -11.18
CA LYS E 90 -27.93 -9.37 -12.60
C LYS E 90 -26.84 -10.38 -12.96
N LEU E 91 -26.40 -11.16 -11.97
CA LEU E 91 -25.38 -12.17 -12.17
C LEU E 91 -25.91 -13.47 -12.75
N ASP E 92 -25.71 -13.67 -14.04
CA ASP E 92 -25.97 -14.97 -14.67
C ASP E 92 -24.67 -15.37 -15.33
N GLU E 93 -24.61 -16.56 -15.93
CA GLU E 93 -23.34 -17.04 -16.44
C GLU E 93 -22.74 -16.10 -17.49
N SER E 94 -23.60 -15.47 -18.28
CA SER E 94 -23.15 -14.57 -19.34
C SER E 94 -22.42 -13.35 -18.78
N THR E 95 -22.98 -12.72 -17.75
CA THR E 95 -22.38 -11.52 -17.18
C THR E 95 -21.09 -11.88 -16.43
N ILE E 96 -21.04 -13.09 -15.91
CA ILE E 96 -19.87 -13.60 -15.21
C ILE E 96 -18.70 -13.80 -16.18
N ASP E 97 -19.03 -14.21 -17.40
CA ASP E 97 -18.00 -14.42 -18.43
C ASP E 97 -17.31 -13.12 -18.75
N ALA E 98 -18.10 -12.04 -18.72
CA ALA E 98 -17.65 -10.69 -19.05
C ALA E 98 -16.82 -10.03 -17.94
N LEU E 99 -16.93 -10.54 -16.71
CA LEU E 99 -16.22 -9.94 -15.58
C LEU E 99 -14.71 -10.05 -15.78
N GLN E 100 -14.01 -9.00 -15.38
CA GLN E 100 -12.56 -8.92 -15.55
C GLN E 100 -11.86 -9.61 -14.38
N ILE E 101 -12.13 -10.90 -14.19
CA ILE E 101 -11.53 -11.64 -13.08
C ILE E 101 -10.91 -12.98 -13.53
N SER E 102 -10.24 -13.64 -12.59
CA SER E 102 -9.60 -14.93 -12.86
C SER E 102 -10.62 -16.01 -13.20
N ASP E 103 -10.16 -17.07 -13.84
CA ASP E 103 -11.06 -18.14 -14.27
C ASP E 103 -11.59 -18.95 -13.08
N ARG E 104 -10.81 -19.06 -12.02
CA ARG E 104 -11.30 -19.68 -10.79
C ARG E 104 -12.39 -18.80 -10.19
N GLY E 105 -12.15 -17.49 -10.18
CA GLY E 105 -13.13 -16.55 -9.67
C GLY E 105 -14.45 -16.68 -10.41
N LYS E 106 -14.36 -16.92 -11.71
CA LYS E 106 -15.55 -17.10 -12.54
C LYS E 106 -16.29 -18.40 -12.19
N GLU E 107 -15.53 -19.48 -11.97
CA GLU E 107 -16.16 -20.77 -11.67
C GLU E 107 -16.83 -20.76 -10.28
N ILE E 108 -16.21 -20.07 -9.33
CA ILE E 108 -16.78 -19.93 -7.99
C ILE E 108 -18.13 -19.22 -8.04
N TRP E 109 -18.21 -18.17 -8.84
CA TRP E 109 -19.40 -17.33 -8.85
C TRP E 109 -20.52 -17.88 -9.73
N LYS E 110 -20.18 -18.70 -10.72
CA LYS E 110 -21.21 -19.40 -11.49
C LYS E 110 -21.94 -20.38 -10.57
N GLU E 111 -21.20 -20.95 -9.61
CA GLU E 111 -21.80 -21.84 -8.63
C GLU E 111 -22.60 -21.04 -7.61
N LEU E 112 -22.04 -19.91 -7.18
CA LEU E 112 -22.73 -19.03 -6.24
C LEU E 112 -24.01 -18.42 -6.81
N SER E 113 -23.99 -18.14 -8.11
CA SER E 113 -25.14 -17.56 -8.82
C SER E 113 -26.41 -18.36 -8.61
N LYS E 114 -26.25 -19.68 -8.52
CA LYS E 114 -27.38 -20.60 -8.41
C LYS E 114 -28.29 -20.31 -7.21
N ASP E 115 -27.70 -19.81 -6.12
CA ASP E 115 -28.49 -19.48 -4.94
C ASP E 115 -28.62 -17.98 -4.68
N LEU E 116 -27.52 -17.26 -4.86
CA LEU E 116 -27.46 -15.85 -4.46
C LEU E 116 -28.20 -14.92 -5.41
N GLN E 117 -28.15 -15.21 -6.71
CA GLN E 117 -28.83 -14.37 -7.68
C GLN E 117 -30.35 -14.34 -7.49
N PRO E 118 -31.01 -15.52 -7.29
CA PRO E 118 -32.45 -15.45 -7.03
C PRO E 118 -32.77 -14.68 -5.75
N LEU E 119 -31.93 -14.82 -4.74
CA LEU E 119 -32.10 -14.11 -3.48
C LEU E 119 -32.07 -12.60 -3.67
N ALA E 120 -31.08 -12.12 -4.42
CA ALA E 120 -30.94 -10.69 -4.69
C ALA E 120 -32.11 -10.16 -5.52
N LYS E 121 -32.58 -10.95 -6.48
CA LYS E 121 -33.71 -10.54 -7.31
C LYS E 121 -34.96 -10.35 -6.46
N LYS E 122 -35.26 -11.34 -5.62
CA LYS E 122 -36.42 -11.28 -4.75
C LYS E 122 -36.33 -10.13 -3.75
N PHE E 123 -35.12 -9.88 -3.26
CA PHE E 123 -34.93 -8.79 -2.31
C PHE E 123 -35.10 -7.43 -3.00
N TRP E 124 -34.60 -7.33 -4.24
CA TRP E 124 -34.75 -6.11 -5.01
C TRP E 124 -36.23 -5.85 -5.31
N GLU E 125 -36.97 -6.92 -5.61
CA GLU E 125 -38.40 -6.82 -5.85
C GLU E 125 -39.14 -6.28 -4.62
N GLU E 126 -38.73 -6.72 -3.44
CA GLU E 126 -39.39 -6.37 -2.18
C GLU E 126 -39.10 -4.95 -1.70
N THR E 127 -37.89 -4.46 -1.96
CA THR E 127 -37.41 -3.23 -1.33
C THR E 127 -36.85 -2.22 -2.31
N GLY E 128 -36.42 -2.68 -3.48
CA GLY E 128 -35.74 -1.83 -4.44
C GLY E 128 -34.26 -1.65 -4.15
N ILE E 129 -33.78 -2.32 -3.10
CA ILE E 129 -32.38 -2.23 -2.71
C ILE E 129 -31.50 -3.20 -3.52
N GLU E 130 -30.46 -2.67 -4.12
CA GLU E 130 -29.49 -3.49 -4.84
C GLU E 130 -28.47 -4.09 -3.89
N ILE E 131 -27.98 -5.27 -4.24
CA ILE E 131 -26.82 -5.85 -3.59
C ILE E 131 -25.70 -5.86 -4.62
N ILE E 132 -24.66 -5.05 -4.43
CA ILE E 132 -23.62 -4.94 -5.44
C ILE E 132 -22.30 -5.55 -4.95
N ALA E 133 -21.62 -6.24 -5.86
CA ALA E 133 -20.34 -6.86 -5.55
C ALA E 133 -19.21 -5.85 -5.74
N ILE E 134 -18.96 -5.04 -4.72
CA ILE E 134 -17.99 -3.96 -4.83
C ILE E 134 -16.67 -4.32 -4.12
N GLY E 135 -16.76 -5.01 -2.99
CA GLY E 135 -15.56 -5.50 -2.32
C GLY E 135 -14.57 -4.45 -1.86
N LYS E 136 -13.34 -4.58 -2.35
CA LYS E 136 -12.19 -3.84 -1.85
C LYS E 136 -12.32 -2.33 -1.99
N SER E 137 -13.20 -1.90 -2.88
CA SER E 137 -13.38 -0.48 -3.13
C SER E 137 -14.26 0.16 -2.03
N SER E 138 -14.99 -0.66 -1.28
CA SER E 138 -16.00 -0.14 -0.34
C SER E 138 -15.43 0.16 1.05
N VAL E 139 -15.68 1.36 1.55
CA VAL E 139 -15.34 1.69 2.93
C VAL E 139 -16.28 0.99 3.93
N PRO E 140 -17.60 0.97 3.66
CA PRO E 140 -18.46 0.21 4.58
C PRO E 140 -18.02 -1.25 4.72
N VAL E 141 -17.54 -1.87 3.64
CA VAL E 141 -17.04 -3.25 3.71
C VAL E 141 -15.83 -3.36 4.65
N ARG E 142 -14.92 -2.39 4.57
CA ARG E 142 -13.76 -2.35 5.46
C ARG E 142 -14.17 -2.11 6.93
N ILE E 143 -15.20 -1.29 7.13
CA ILE E 143 -15.72 -1.07 8.47
C ILE E 143 -16.34 -2.38 9.00
N ALA E 144 -17.05 -3.12 8.15
CA ALA E 144 -17.53 -4.45 8.52
C ALA E 144 -16.39 -5.37 8.90
N GLU E 145 -15.29 -5.28 8.14
CA GLU E 145 -14.11 -6.11 8.37
C GLU E 145 -13.46 -5.81 9.73
N ILE E 146 -13.34 -4.54 10.03
CA ILE E 146 -12.81 -4.11 11.32
C ILE E 146 -13.73 -4.62 12.43
N TYR E 147 -15.04 -4.56 12.22
CA TYR E 147 -15.96 -5.08 13.22
C TYR E 147 -15.83 -6.60 13.36
N ALA E 148 -15.50 -7.30 12.28
CA ALA E 148 -15.29 -8.75 12.39
C ALA E 148 -14.08 -9.03 13.27
N GLY E 149 -13.05 -8.19 13.13
CA GLY E 149 -11.88 -8.27 13.99
C GLY E 149 -12.24 -8.04 15.45
N ILE E 150 -13.02 -6.99 15.70
CA ILE E 150 -13.46 -6.69 17.05
C ILE E 150 -14.26 -7.83 17.66
N PHE E 151 -15.20 -8.36 16.88
CA PHE E 151 -16.05 -9.43 17.36
C PHE E 151 -15.29 -10.75 17.52
N SER E 152 -14.22 -10.95 16.76
CA SER E 152 -13.37 -12.12 16.93
C SER E 152 -12.67 -12.07 18.28
N VAL E 153 -12.25 -10.88 18.68
CA VAL E 153 -11.64 -10.70 20.00
C VAL E 153 -12.68 -10.88 21.10
N LYS E 154 -13.90 -10.39 20.88
CA LYS E 154 -14.97 -10.62 21.84
C LYS E 154 -15.19 -12.13 21.99
N TRP E 155 -15.17 -12.82 20.86
CA TRP E 155 -15.31 -14.27 20.86
C TRP E 155 -14.19 -14.92 21.68
N ALA E 156 -12.98 -14.41 21.53
CA ALA E 156 -11.82 -14.92 22.27
C ALA E 156 -11.97 -14.67 23.76
N LEU E 157 -12.40 -13.46 24.12
CA LEU E 157 -12.67 -13.13 25.53
C LEU E 157 -13.72 -14.06 26.10
N ASP E 158 -14.74 -14.37 25.30
CA ASP E 158 -15.85 -15.18 25.79
C ASP E 158 -15.47 -16.66 25.91
N ASN E 159 -14.45 -17.09 25.17
CA ASN E 159 -14.15 -18.51 25.11
C ASN E 159 -12.80 -18.93 25.69
N VAL E 160 -12.03 -17.97 26.20
CA VAL E 160 -10.72 -18.29 26.75
C VAL E 160 -10.88 -18.94 28.13
N GLY E 164 -8.30 -22.53 27.32
CA GLY E 164 -7.31 -22.00 28.24
C GLY E 164 -6.29 -21.05 27.62
N GLY E 165 -6.45 -20.76 26.32
CA GLY E 165 -5.50 -19.90 25.61
C GLY E 165 -5.82 -19.92 24.12
N LEU E 166 -5.77 -18.76 23.50
CA LEU E 166 -6.20 -18.63 22.11
C LEU E 166 -5.32 -17.66 21.31
N LEU E 167 -5.09 -17.99 20.04
CA LEU E 167 -4.45 -17.10 19.08
C LEU E 167 -5.46 -16.71 18.02
N VAL E 168 -5.77 -15.43 17.93
CA VAL E 168 -6.70 -14.94 16.93
C VAL E 168 -6.00 -14.11 15.86
N GLY E 169 -6.05 -14.57 14.62
CA GLY E 169 -5.51 -13.79 13.51
C GLY E 169 -6.54 -12.76 13.06
N LEU E 170 -6.18 -11.48 13.18
CA LEU E 170 -7.11 -10.41 12.86
C LEU E 170 -7.14 -10.16 11.36
N PRO E 171 -8.20 -9.49 10.88
CA PRO E 171 -8.16 -9.00 9.50
C PRO E 171 -6.97 -8.05 9.24
N ARG E 172 -6.74 -7.72 7.98
CA ARG E 172 -5.52 -7.02 7.60
C ARG E 172 -5.39 -5.66 8.28
N TYR E 173 -4.17 -5.40 8.74
CA TYR E 173 -3.70 -4.14 9.36
C TYR E 173 -4.77 -3.41 10.15
N MET E 174 -5.19 -4.08 11.21
CA MET E 174 -6.03 -3.42 12.20
C MET E 174 -5.53 -3.79 13.59
N GLU E 175 -5.80 -2.92 14.55
CA GLU E 175 -5.40 -3.20 15.92
C GLU E 175 -6.64 -3.19 16.79
N VAL E 176 -6.55 -3.82 17.94
CA VAL E 176 -7.62 -3.73 18.92
C VAL E 176 -7.08 -3.25 20.26
N GLU E 177 -7.95 -2.58 21.01
CA GLU E 177 -7.61 -2.16 22.35
C GLU E 177 -8.73 -2.58 23.30
N ILE E 178 -8.39 -3.20 24.43
CA ILE E 178 -9.43 -3.59 25.37
C ILE E 178 -9.46 -2.58 26.51
N LYS E 179 -10.65 -2.05 26.76
CA LYS E 179 -10.88 -1.12 27.85
C LYS E 179 -11.77 -1.83 28.84
N LYS E 180 -12.09 -1.17 29.96
CA LYS E 180 -12.82 -1.81 31.04
C LYS E 180 -14.11 -2.48 30.57
N ASP E 181 -14.83 -1.85 29.65
CA ASP E 181 -16.16 -2.32 29.27
C ASP E 181 -16.38 -2.40 27.77
N LYS E 182 -15.31 -2.31 26.99
CA LYS E 182 -15.48 -2.30 25.56
C LYS E 182 -14.22 -2.66 24.79
N ILE E 183 -14.42 -3.06 23.54
CA ILE E 183 -13.31 -3.31 22.65
C ILE E 183 -13.31 -2.28 21.54
N ILE E 184 -12.16 -1.66 21.30
CA ILE E 184 -12.03 -0.70 20.21
C ILE E 184 -11.10 -1.27 19.13
N GLY E 185 -11.55 -1.23 17.88
CA GLY E 185 -10.77 -1.67 16.74
C GLY E 185 -10.47 -0.48 15.84
N LYS E 186 -9.28 -0.43 15.27
CA LYS E 186 -8.88 0.67 14.39
C LYS E 186 -8.09 0.16 13.20
N SER E 187 -8.30 0.75 12.02
CA SER E 187 -7.40 0.49 10.91
C SER E 187 -6.01 1.03 11.26
N LEU E 188 -4.97 0.28 10.89
CA LEU E 188 -3.60 0.75 11.05
C LEU E 188 -3.15 1.56 9.82
N ASP E 189 -4.02 1.63 8.81
CA ASP E 189 -3.67 2.34 7.56
C ASP E 189 -4.23 3.76 7.58
N PRO E 190 -3.37 4.76 7.82
CA PRO E 190 -3.85 6.15 7.86
C PRO E 190 -4.40 6.60 6.49
N ARG E 191 -4.05 5.89 5.43
CA ARG E 191 -4.59 6.20 4.11
C ARG E 191 -6.10 5.99 4.03
N GLU E 192 -6.64 5.17 4.93
CA GLU E 192 -8.08 4.90 4.90
C GLU E 192 -8.91 5.99 5.58
N GLY E 193 -8.25 6.92 6.27
CA GLY E 193 -8.91 8.12 6.74
C GLY E 193 -9.50 7.99 8.14
N GLY E 194 -9.08 7.00 8.92
CA GLY E 194 -9.50 6.92 10.31
C GLY E 194 -10.72 6.06 10.58
N LEU E 195 -10.70 4.85 10.04
CA LEU E 195 -11.79 3.89 10.21
C LEU E 195 -11.65 3.18 11.55
N TYR E 196 -12.76 3.03 12.27
CA TYR E 196 -12.70 2.40 13.58
C TYR E 196 -14.05 1.77 13.94
N GLY E 197 -14.04 0.94 14.98
CA GLY E 197 -15.26 0.33 15.49
C GLY E 197 -15.16 0.20 16.98
N GLU E 198 -16.31 -0.04 17.63
CA GLU E 198 -16.31 -0.18 19.06
C GLU E 198 -17.45 -1.08 19.49
N VAL E 199 -17.16 -2.05 20.37
CA VAL E 199 -18.21 -2.96 20.85
C VAL E 199 -18.14 -3.09 22.37
N LYS E 200 -19.27 -2.85 23.03
CA LYS E 200 -19.37 -3.07 24.47
C LYS E 200 -19.36 -4.57 24.76
N THR E 201 -18.67 -4.96 25.82
CA THR E 201 -18.67 -6.34 26.28
C THR E 201 -18.15 -6.35 27.70
N GLU E 202 -18.46 -7.40 28.45
CA GLU E 202 -17.87 -7.51 29.78
C GLU E 202 -16.55 -8.25 29.66
N VAL E 203 -15.50 -7.65 30.22
CA VAL E 203 -14.18 -8.23 30.14
C VAL E 203 -13.94 -9.11 31.36
N PRO E 204 -13.70 -10.40 31.11
CA PRO E 204 -13.52 -11.35 32.21
C PRO E 204 -12.25 -11.04 33.00
N GLN E 205 -12.23 -11.47 34.26
CA GLN E 205 -11.08 -11.30 35.12
C GLN E 205 -10.11 -12.45 34.92
N GLY E 206 -8.88 -12.29 35.39
CA GLY E 206 -7.93 -13.40 35.37
C GLY E 206 -7.27 -13.67 34.03
N ILE E 207 -7.30 -12.70 33.13
CA ILE E 207 -6.71 -12.92 31.81
C ILE E 207 -5.68 -11.88 31.41
N LYS E 208 -4.76 -12.30 30.55
CA LYS E 208 -3.78 -11.40 29.97
C LYS E 208 -3.93 -11.45 28.47
N TRP E 209 -3.58 -10.37 27.78
CA TRP E 209 -3.65 -10.39 26.33
C TRP E 209 -2.46 -9.65 25.76
N GLU E 210 -2.15 -9.95 24.51
CA GLU E 210 -1.08 -9.27 23.82
C GLU E 210 -1.40 -9.19 22.33
N LEU E 211 -0.95 -8.13 21.68
CA LEU E 211 -1.16 -7.94 20.26
C LEU E 211 0.21 -7.77 19.60
N TYR E 212 0.48 -8.51 18.54
CA TYR E 212 1.78 -8.43 17.86
C TYR E 212 1.68 -8.91 16.41
N PRO E 213 2.69 -8.59 15.59
CA PRO E 213 2.66 -9.03 14.19
C PRO E 213 2.66 -10.54 14.02
N ASN E 214 1.79 -11.04 13.15
CA ASN E 214 1.90 -12.42 12.65
C ASN E 214 3.21 -12.55 11.88
N PRO E 215 4.14 -13.38 12.37
CA PRO E 215 5.46 -13.38 11.71
C PRO E 215 5.41 -13.97 10.30
N LEU E 216 4.34 -14.70 9.98
CA LEU E 216 4.26 -15.41 8.70
C LEU E 216 3.44 -14.66 7.68
N VAL E 217 2.73 -13.62 8.14
CA VAL E 217 1.79 -12.88 7.30
C VAL E 217 1.92 -11.38 7.57
N ARG E 218 2.86 -10.75 6.86
CA ARG E 218 3.18 -9.35 7.06
C ARG E 218 1.92 -8.46 6.93
N ARG E 219 1.82 -7.47 7.82
CA ARG E 219 0.70 -6.51 7.94
C ARG E 219 -0.58 -7.10 8.53
N PHE E 220 -0.52 -8.33 9.04
CA PHE E 220 -1.61 -8.88 9.86
C PHE E 220 -1.16 -9.04 11.31
N MET E 221 -2.02 -8.65 12.26
CA MET E 221 -1.67 -8.76 13.68
C MET E 221 -2.31 -10.01 14.31
N VAL E 222 -1.72 -10.47 15.40
CA VAL E 222 -2.26 -11.59 16.18
C VAL E 222 -2.71 -11.07 17.54
N PHE E 223 -3.90 -11.49 17.94
CA PHE E 223 -4.37 -11.25 19.30
C PHE E 223 -4.25 -12.54 20.09
N GLU E 224 -3.40 -12.52 21.10
CA GLU E 224 -3.18 -13.71 21.93
C GLU E 224 -3.72 -13.45 23.34
N ILE E 225 -4.60 -14.34 23.78
CA ILE E 225 -5.16 -14.27 25.11
C ILE E 225 -4.86 -15.54 25.93
N THR E 226 -4.47 -15.38 27.19
CA THR E 226 -4.18 -16.53 28.06
C THR E 226 -4.89 -16.40 29.41
N SER E 227 -5.24 -17.53 30.01
CA SER E 227 -5.83 -17.52 31.35
C SER E 227 -4.75 -17.31 32.41
MG MG G . -2.87 11.56 -10.23
MG MG H . -12.38 -9.01 4.74
#